data_7WHN
#
_entry.id   7WHN
#
_cell.length_a   1.00
_cell.length_b   1.00
_cell.length_c   1.00
_cell.angle_alpha   90.00
_cell.angle_beta   90.00
_cell.angle_gamma   90.00
#
_symmetry.space_group_name_H-M   'P 1'
#
_entity_poly.entity_id   1
_entity_poly.type   'polypeptide(L)'
_entity_poly.pdbx_seq_one_letter_code
;MEINRAEIRREITRYTGLIEQQTQLNISDNDENILKTLIADYNLRMRRDALLGELARLDELRDISQVKGVEYKVTIPLLP
VISTLNQHEFEITQANIETDFIADNVTFVTSFVPADLDLEQTIQRVFFRTTATTPHFQSFNLVIEILNYDQDSGDVELHV
KIMIVRPNSDVVNYDYTWIGKDYERISVCYNLISHLQRIDGPHGRDDEAEMPIYRIIRRDSGSIPSYASGEHLYVISSHL
HVDEIVRRREHKSISVDVTQLSLILPIIRTFNPVDLREVRIEDITPGIEFTINMEVSTYLAESSGSHVDMQRAIMNHADK
IVGNYTGQQWNVQSNMLSEVRTQMLEEEDEEARQRGDYTTSTLVQTMAQVSDLFSSTILYRRAEARLDNTVGAFELLRPV
LSIPSEYVHNGRVGPITNIPANASIVTSSSSGAGQVRNIFKPIGDQTINESHFANVFSNDEYAIYLRFSYRQAPVQSETV
YLQQNLPSMRIVSPSSVSTTVSTAVIGGNTIHINCPIRPHREDRLVSGGVQVPRQSTAVEIRVQEILIGYRQATTFPIDT
EGRLSLELMYGLESRSAVGNTMSPVRFVTVNDGEFFGLTCPIDLTLSTVVDPSSYLSDGVILVATAFEDLRGYAWVATLG
GDWPRTYNSSMRAFNVLTGGDINLSTEYGSEMTYTFKVELPIVYMFNNMTVISNNVPRVPVLGVTYASIYQDSRTELEAR
RFLQTLVFRIHGNWSARIPYTPGNLPTRNTANQHQDIQQVINDSISQELGRLSDELLNMKNRLDHLERQFEMFIQSQESE
WWEILLNVVMDTVLGYFSTFAGNALKSAQQAISKAVGYTRRVLMTVTKTMRNGPIFTRLLGAKNLSGQALASLETLVESV
LRSINVKKSRFMSGAEPLYKNNKVAQHIDNTEKMNMMMDFSFANRNNRQNITADTLSRMHTQNAHGTSDTVLPAMRVYYR
PLGFLDKRVGEALHKGITRPEALKKQLRSDVANVGTRAPSHAFMTYTDVLYEDAGSYIVSKRYLGIGELNRFGRTTSDKN
ADIGGVNIKYRVNKITADGKYIIDRLSHTESGYTAADVDRLYRSLFGKQGDGLSTEQKWMDISRGVDAKIISADMVSEEF
LSSKYTGQMIDELINSPPQFNYSLIYRNCQDFVLDVLRVAQGFSPSNKWDVSTAARMQQRRVISLMDDLMSESETFARSA
HSNHSLLQQIRRSYVKARKRGDLHTVKALQLRLKGFFQI
;
_entity_poly.pdbx_strand_id   A
#
# COMPACT_ATOMS: atom_id res chain seq x y z
N ASN A 26 41.21 52.36 -65.61
CA ASN A 26 41.46 51.44 -64.53
C ASN A 26 40.68 51.89 -63.29
N ILE A 27 41.40 52.30 -62.24
CA ILE A 27 40.80 52.78 -61.01
C ILE A 27 41.38 54.15 -60.68
N SER A 28 40.52 55.03 -60.17
CA SER A 28 40.84 56.42 -59.97
C SER A 28 41.68 56.60 -58.71
N ASP A 29 41.79 57.84 -58.23
CA ASP A 29 42.57 58.09 -57.03
C ASP A 29 41.76 57.90 -55.76
N ASN A 30 40.46 58.19 -55.82
CA ASN A 30 39.59 57.82 -54.70
C ASN A 30 39.59 56.32 -54.47
N ASP A 31 39.58 55.54 -55.56
CA ASP A 31 39.66 54.09 -55.41
C ASP A 31 40.97 53.67 -54.76
N GLU A 32 42.05 54.38 -55.05
CA GLU A 32 43.32 54.05 -54.41
C GLU A 32 43.28 54.38 -52.92
N ASN A 33 42.62 55.48 -52.55
CA ASN A 33 42.46 55.76 -51.12
C ASN A 33 41.63 54.68 -50.44
N ILE A 34 40.56 54.24 -51.09
CA ILE A 34 39.75 53.14 -50.54
C ILE A 34 40.60 51.90 -50.36
N LEU A 35 41.45 51.58 -51.34
CA LEU A 35 42.27 50.37 -51.24
C LEU A 35 43.27 50.48 -50.09
N LYS A 36 43.89 51.64 -49.94
CA LYS A 36 44.85 51.80 -48.85
C LYS A 36 44.18 51.69 -47.50
N THR A 37 42.98 52.25 -47.34
CA THR A 37 42.32 52.14 -46.06
C THR A 37 41.82 50.71 -45.79
N LEU A 38 41.42 49.97 -46.84
CA LEU A 38 41.08 48.56 -46.65
C LEU A 38 42.28 47.74 -46.19
N ILE A 39 43.45 47.98 -46.79
CA ILE A 39 44.65 47.26 -46.35
C ILE A 39 45.03 47.65 -44.92
N ALA A 40 44.86 48.93 -44.57
CA ALA A 40 45.14 49.34 -43.19
C ALA A 40 44.23 48.62 -42.21
N ASP A 41 42.96 48.48 -42.55
CA ASP A 41 42.03 47.75 -41.69
C ASP A 41 42.42 46.30 -41.54
N TYR A 42 42.86 45.66 -42.63
CA TYR A 42 43.34 44.29 -42.50
C TYR A 42 44.52 44.21 -41.54
N ASN A 43 45.44 45.18 -41.61
CA ASN A 43 46.58 45.16 -40.71
C ASN A 43 46.15 45.36 -39.25
N LEU A 44 45.13 46.17 -39.02
CA LEU A 44 44.59 46.30 -37.66
C LEU A 44 44.01 44.98 -37.17
N ARG A 45 43.31 44.26 -38.04
CA ARG A 45 42.81 42.95 -37.65
C ARG A 45 43.95 42.01 -37.29
N MET A 46 45.03 42.02 -38.08
CA MET A 46 46.15 41.15 -37.76
C MET A 46 46.77 41.52 -36.43
N ARG A 47 46.84 42.82 -36.13
CA ARG A 47 47.36 43.24 -34.82
C ARG A 47 46.50 42.69 -33.70
N ARG A 48 45.18 42.80 -33.82
CA ARG A 48 44.30 42.31 -32.77
C ARG A 48 44.46 40.81 -32.58
N ASP A 49 44.58 40.08 -33.69
CA ASP A 49 44.71 38.63 -33.60
C ASP A 49 46.02 38.25 -32.92
N ALA A 50 47.10 38.98 -33.22
CA ALA A 50 48.37 38.72 -32.54
C ALA A 50 48.31 39.10 -31.08
N LEU A 51 47.48 40.10 -30.73
CA LEU A 51 47.32 40.47 -29.33
C LEU A 51 46.61 39.39 -28.53
N LEU A 52 45.60 38.75 -29.13
CA LEU A 52 44.80 37.81 -28.37
C LEU A 52 45.52 36.49 -28.12
N GLY A 53 46.20 35.92 -29.11
CA GLY A 53 46.90 34.67 -28.89
C GLY A 53 47.37 34.01 -30.16
N GLU A 54 47.63 32.70 -30.11
CA GLU A 54 48.10 31.95 -31.26
C GLU A 54 46.98 31.28 -32.03
N LEU A 55 45.78 31.20 -31.46
CA LEU A 55 44.67 30.56 -32.15
C LEU A 55 44.23 31.37 -33.35
N ALA A 56 43.83 30.68 -34.40
CA ALA A 56 43.38 31.34 -35.61
C ALA A 56 42.05 32.03 -35.39
N ARG A 57 41.83 33.13 -36.11
CA ARG A 57 40.55 33.81 -36.13
C ARG A 57 40.22 34.15 -37.57
N LEU A 58 39.62 33.20 -38.28
CA LEU A 58 39.29 33.35 -39.70
C LEU A 58 37.79 33.13 -39.85
N ASP A 59 37.03 34.21 -39.99
CA ASP A 59 35.57 34.11 -39.93
C ASP A 59 35.01 33.29 -41.07
N GLU A 60 35.50 33.49 -42.28
CA GLU A 60 34.89 32.85 -43.45
C GLU A 60 35.08 31.34 -43.39
N LEU A 61 36.26 30.89 -42.98
CA LEU A 61 36.49 29.45 -42.86
C LEU A 61 35.64 28.84 -41.77
N ARG A 62 35.45 29.57 -40.67
CA ARG A 62 34.56 29.08 -39.62
C ARG A 62 33.13 28.96 -40.13
N ASP A 63 32.69 29.91 -40.94
CA ASP A 63 31.33 29.84 -41.45
C ASP A 63 31.15 28.67 -42.43
N ILE A 64 32.11 28.45 -43.32
CA ILE A 64 32.01 27.30 -44.21
C ILE A 64 32.05 26.02 -43.40
N SER A 65 32.87 25.98 -42.35
CA SER A 65 32.95 24.80 -41.50
C SER A 65 31.63 24.53 -40.81
N GLN A 66 30.97 25.57 -40.33
CA GLN A 66 29.67 25.38 -39.67
C GLN A 66 28.62 24.92 -40.67
N VAL A 67 28.61 25.47 -41.88
CA VAL A 67 27.64 25.02 -42.87
C VAL A 67 27.86 23.55 -43.23
N LYS A 68 29.11 23.14 -43.42
CA LYS A 68 29.38 21.75 -43.72
C LYS A 68 29.07 20.82 -42.55
N GLY A 69 29.34 21.25 -41.32
CA GLY A 69 28.99 20.43 -40.18
C GLY A 69 27.49 20.29 -40.00
N VAL A 70 26.75 21.35 -40.32
CA VAL A 70 25.29 21.28 -40.37
C VAL A 70 24.82 20.26 -41.39
N GLU A 71 25.37 20.34 -42.60
CA GLU A 71 24.99 19.41 -43.65
C GLU A 71 25.27 17.97 -43.25
N TYR A 72 26.35 17.75 -42.49
CA TYR A 72 26.59 16.40 -41.97
C TYR A 72 25.58 16.04 -40.90
N LYS A 73 25.34 16.95 -39.96
CA LYS A 73 24.53 16.64 -38.80
C LYS A 73 23.09 16.30 -39.16
N VAL A 74 22.61 16.71 -40.32
CA VAL A 74 21.26 16.30 -40.70
C VAL A 74 21.21 14.82 -41.07
N THR A 75 22.33 14.12 -40.97
CA THR A 75 22.39 12.70 -41.29
C THR A 75 22.72 11.80 -40.11
N ILE A 76 22.73 12.32 -38.89
CA ILE A 76 22.96 11.46 -37.72
C ILE A 76 21.66 10.76 -37.35
N PRO A 77 21.65 9.44 -37.24
CA PRO A 77 20.39 8.73 -36.96
C PRO A 77 19.75 9.14 -35.65
N LEU A 78 18.42 9.08 -35.62
CA LEU A 78 17.70 9.33 -34.39
C LEU A 78 17.51 8.04 -33.60
N LEU A 79 17.45 6.92 -34.29
CA LEU A 79 17.25 5.61 -33.69
C LEU A 79 18.52 4.77 -33.81
N PRO A 80 18.76 3.86 -32.87
CA PRO A 80 17.96 3.39 -31.74
C PRO A 80 18.02 4.30 -30.51
N VAL A 81 17.15 4.05 -29.54
CA VAL A 81 17.19 4.79 -28.29
C VAL A 81 18.30 4.22 -27.43
N ILE A 82 19.22 5.08 -27.02
CA ILE A 82 20.36 4.73 -26.18
C ILE A 82 20.36 5.68 -24.99
N SER A 83 20.72 5.19 -23.82
CA SER A 83 20.68 5.97 -22.59
C SER A 83 22.07 6.03 -21.97
N THR A 84 22.71 7.18 -22.07
CA THR A 84 24.09 7.37 -21.63
C THR A 84 24.15 7.65 -20.14
N LEU A 85 24.99 6.91 -19.43
CA LEU A 85 25.22 7.12 -18.00
C LEU A 85 26.72 7.19 -17.75
N ASN A 86 27.12 8.03 -16.82
CA ASN A 86 28.51 8.07 -16.43
C ASN A 86 28.72 7.06 -15.31
N GLN A 87 29.87 7.11 -14.64
CA GLN A 87 30.13 6.16 -13.57
C GLN A 87 29.16 6.35 -12.40
N HIS A 88 28.94 7.60 -12.01
CA HIS A 88 28.10 7.87 -10.85
C HIS A 88 26.66 7.38 -11.06
N GLU A 89 26.03 7.78 -12.17
CA GLU A 89 24.66 7.33 -12.36
C GLU A 89 24.60 5.84 -12.63
N PHE A 90 25.64 5.25 -13.17
CA PHE A 90 25.63 3.81 -13.35
C PHE A 90 25.58 3.10 -12.02
N GLU A 91 26.37 3.55 -11.05
CA GLU A 91 26.31 2.92 -9.73
C GLU A 91 24.98 3.20 -9.04
N ILE A 92 24.42 4.40 -9.21
CA ILE A 92 23.10 4.68 -8.64
C ILE A 92 22.06 3.76 -9.25
N THR A 93 22.10 3.58 -10.57
CA THR A 93 21.14 2.72 -11.26
C THR A 93 21.27 1.27 -10.83
N GLN A 94 22.51 0.79 -10.67
CA GLN A 94 22.70 -0.57 -10.17
C GLN A 94 22.14 -0.73 -8.76
N ALA A 95 22.25 0.32 -7.94
CA ALA A 95 21.66 0.26 -6.62
C ALA A 95 20.14 0.29 -6.68
N ASN A 96 19.58 0.95 -7.69
CA ASN A 96 18.12 1.04 -7.80
C ASN A 96 17.49 -0.26 -8.25
N ILE A 97 18.07 -0.95 -9.23
CA ILE A 97 17.41 -2.04 -9.94
C ILE A 97 17.79 -3.35 -9.29
N GLU A 98 16.78 -4.13 -8.91
CA GLU A 98 16.96 -5.34 -8.13
C GLU A 98 16.50 -6.60 -8.82
N THR A 99 15.99 -6.52 -10.03
CA THR A 99 15.64 -7.68 -10.83
C THR A 99 16.72 -7.90 -11.89
N ASP A 100 16.46 -8.79 -12.83
CA ASP A 100 17.43 -9.06 -13.89
C ASP A 100 17.56 -7.87 -14.81
N PHE A 101 18.79 -7.48 -15.09
CA PHE A 101 19.12 -6.20 -15.73
C PHE A 101 20.05 -6.50 -16.88
N ILE A 102 19.48 -6.88 -18.03
CA ILE A 102 20.24 -7.36 -19.17
C ILE A 102 19.89 -6.48 -20.36
N ALA A 103 20.91 -5.97 -21.04
CA ALA A 103 20.74 -5.01 -22.11
C ALA A 103 21.14 -5.62 -23.45
N ASP A 104 20.34 -5.36 -24.48
CA ASP A 104 20.60 -5.92 -25.80
C ASP A 104 21.92 -5.43 -26.34
N ASN A 105 22.24 -4.17 -26.12
CA ASN A 105 23.52 -3.60 -26.49
C ASN A 105 23.94 -2.66 -25.38
N VAL A 106 25.13 -2.85 -24.84
CA VAL A 106 25.68 -1.96 -23.84
C VAL A 106 27.12 -1.63 -24.20
N THR A 107 27.38 -0.36 -24.49
CA THR A 107 28.68 0.06 -25.00
C THR A 107 29.39 0.88 -23.93
N PHE A 108 30.51 0.38 -23.45
CA PHE A 108 31.37 1.09 -22.52
C PHE A 108 32.39 1.87 -23.33
N VAL A 109 32.32 3.20 -23.29
CA VAL A 109 33.15 4.04 -24.14
C VAL A 109 34.20 4.71 -23.28
N THR A 110 35.46 4.54 -23.66
CA THR A 110 36.58 5.26 -23.08
C THR A 110 36.94 6.36 -24.05
N SER A 111 36.87 7.61 -23.61
CA SER A 111 37.05 8.77 -24.48
C SER A 111 37.97 9.75 -23.78
N PHE A 112 38.85 10.40 -24.54
CA PHE A 112 39.76 11.37 -23.95
C PHE A 112 40.32 12.29 -25.02
N VAL A 113 40.62 13.51 -24.61
CA VAL A 113 41.31 14.49 -25.44
C VAL A 113 42.69 14.69 -24.83
N PRO A 114 43.78 14.41 -25.55
CA PRO A 114 45.10 14.51 -24.94
C PRO A 114 45.42 15.85 -24.31
N ALA A 115 44.63 16.89 -24.60
CA ALA A 115 44.81 18.18 -23.94
C ALA A 115 44.24 18.22 -22.54
N ASP A 116 43.32 17.31 -22.22
CA ASP A 116 42.67 17.31 -20.92
C ASP A 116 43.21 16.24 -19.99
N LEU A 117 43.90 15.24 -20.51
CA LEU A 117 44.52 14.23 -19.66
C LEU A 117 45.48 14.90 -18.68
N ASP A 118 45.43 14.44 -17.43
CA ASP A 118 46.23 15.01 -16.35
C ASP A 118 47.59 14.37 -16.38
N LEU A 119 48.56 15.04 -16.99
CA LEU A 119 49.83 14.40 -17.31
C LEU A 119 50.67 14.12 -16.07
N GLU A 120 50.28 14.63 -14.91
CA GLU A 120 51.01 14.37 -13.68
C GLU A 120 50.79 12.97 -13.13
N GLN A 121 49.88 12.20 -13.71
CA GLN A 121 49.52 10.90 -13.16
C GLN A 121 50.54 9.84 -13.55
N THR A 122 50.63 8.81 -12.70
CA THR A 122 51.59 7.74 -12.93
C THR A 122 51.22 6.93 -14.16
N ILE A 123 49.93 6.74 -14.42
CA ILE A 123 49.44 5.88 -15.47
C ILE A 123 48.07 6.39 -15.90
N GLN A 124 47.76 6.23 -17.19
CA GLN A 124 46.42 6.55 -17.70
C GLN A 124 45.70 5.25 -18.00
N ARG A 125 44.70 4.91 -17.19
CA ARG A 125 44.18 3.55 -17.19
C ARG A 125 42.66 3.55 -17.14
N VAL A 126 42.08 2.44 -17.60
CA VAL A 126 40.71 2.04 -17.29
C VAL A 126 40.73 0.55 -17.01
N PHE A 127 40.09 0.13 -15.93
CA PHE A 127 39.99 -1.30 -15.63
C PHE A 127 38.63 -1.58 -15.02
N PHE A 128 37.78 -2.28 -15.75
CA PHE A 128 36.46 -2.63 -15.25
C PHE A 128 36.20 -4.10 -15.53
N ARG A 129 35.55 -4.76 -14.58
CA ARG A 129 35.48 -6.21 -14.58
C ARG A 129 34.07 -6.65 -14.21
N THR A 130 33.80 -7.93 -14.40
CA THR A 130 32.56 -8.54 -13.94
C THR A 130 32.90 -9.57 -12.87
N THR A 131 31.98 -9.75 -11.93
CA THR A 131 32.16 -10.69 -10.83
C THR A 131 31.40 -11.99 -11.03
N ALA A 132 30.90 -12.25 -12.24
CA ALA A 132 30.18 -13.46 -12.55
C ALA A 132 30.80 -14.10 -13.78
N THR A 133 30.23 -15.24 -14.18
CA THR A 133 30.67 -15.91 -15.39
C THR A 133 29.88 -15.38 -16.58
N THR A 134 30.60 -14.92 -17.60
CA THR A 134 30.04 -14.45 -18.86
C THR A 134 30.72 -15.23 -19.97
N PRO A 135 30.00 -15.54 -21.06
CA PRO A 135 30.61 -16.38 -22.10
C PRO A 135 31.85 -15.79 -22.75
N HIS A 136 31.99 -14.46 -22.79
CA HIS A 136 33.08 -13.83 -23.54
C HIS A 136 33.94 -12.88 -22.75
N PHE A 137 33.60 -12.57 -21.50
CA PHE A 137 34.10 -11.38 -20.84
C PHE A 137 34.39 -11.67 -19.38
N GLN A 138 35.59 -11.34 -18.92
CA GLN A 138 35.87 -11.28 -17.50
C GLN A 138 36.37 -9.91 -17.07
N SER A 139 37.33 -9.33 -17.79
CA SER A 139 37.84 -8.01 -17.46
C SER A 139 38.28 -7.30 -18.73
N PHE A 140 38.36 -5.97 -18.67
CA PHE A 140 38.78 -5.14 -19.78
C PHE A 140 39.71 -4.08 -19.26
N ASN A 141 40.94 -4.05 -19.77
CA ASN A 141 41.99 -3.18 -19.26
C ASN A 141 42.53 -2.35 -20.42
N LEU A 142 42.74 -1.07 -20.18
CA LEU A 142 43.20 -0.15 -21.20
C LEU A 142 44.20 0.82 -20.59
N VAL A 143 45.35 0.98 -21.24
CA VAL A 143 46.41 1.86 -20.77
C VAL A 143 46.85 2.75 -21.92
N ILE A 144 46.89 4.05 -21.68
CA ILE A 144 47.35 5.03 -22.65
C ILE A 144 48.76 5.46 -22.29
N GLU A 145 49.67 5.39 -23.26
CA GLU A 145 51.03 5.84 -23.09
C GLU A 145 51.30 6.96 -24.08
N ILE A 146 51.97 8.01 -23.62
CA ILE A 146 52.18 9.20 -24.43
C ILE A 146 53.65 9.23 -24.84
N LEU A 147 53.91 8.83 -26.07
CA LEU A 147 55.28 8.71 -26.55
C LEU A 147 55.94 10.07 -26.73
N ASN A 148 55.27 11.01 -27.40
CA ASN A 148 55.78 12.36 -27.58
C ASN A 148 54.65 13.35 -27.34
N TYR A 149 54.98 14.52 -26.82
CA TYR A 149 53.96 15.56 -26.64
C TYR A 149 54.65 16.92 -26.61
N ASP A 150 54.46 17.68 -27.69
CA ASP A 150 55.03 19.01 -27.85
C ASP A 150 53.95 20.03 -27.51
N GLN A 151 54.10 20.71 -26.38
CA GLN A 151 53.00 21.53 -25.87
C GLN A 151 53.00 22.95 -26.39
N ASP A 152 53.91 23.31 -27.31
CA ASP A 152 53.82 24.62 -27.96
C ASP A 152 52.80 24.59 -29.07
N SER A 153 52.90 23.59 -29.95
CA SER A 153 51.92 23.31 -30.99
C SER A 153 51.52 21.86 -30.80
N GLY A 154 50.37 21.62 -30.19
CA GLY A 154 50.10 20.32 -29.63
C GLY A 154 50.20 19.18 -30.62
N ASP A 155 51.26 18.40 -30.51
CA ASP A 155 51.54 17.31 -31.45
C ASP A 155 51.73 16.05 -30.62
N VAL A 156 50.71 15.20 -30.56
CA VAL A 156 50.69 14.07 -29.65
C VAL A 156 50.98 12.80 -30.44
N GLU A 157 51.60 11.84 -29.77
CA GLU A 157 51.81 10.51 -30.32
C GLU A 157 51.40 9.51 -29.25
N LEU A 158 50.32 8.80 -29.47
CA LEU A 158 49.71 7.96 -28.47
C LEU A 158 49.93 6.48 -28.77
N HIS A 159 49.78 5.67 -27.73
CA HIS A 159 49.78 4.23 -27.87
C HIS A 159 48.78 3.67 -26.88
N VAL A 160 47.61 3.27 -27.37
CA VAL A 160 46.59 2.64 -26.54
C VAL A 160 46.80 1.14 -26.61
N LYS A 161 46.83 0.49 -25.45
CA LYS A 161 46.95 -0.96 -25.38
C LYS A 161 45.75 -1.53 -24.64
N ILE A 162 44.86 -2.20 -25.37
CA ILE A 162 43.67 -2.82 -24.80
C ILE A 162 43.98 -4.27 -24.48
N MET A 163 43.73 -4.68 -23.25
CA MET A 163 43.91 -6.07 -22.83
C MET A 163 42.60 -6.60 -22.28
N ILE A 164 42.14 -7.73 -22.81
CA ILE A 164 40.90 -8.36 -22.39
C ILE A 164 41.22 -9.78 -21.93
N VAL A 165 40.57 -10.23 -20.86
CA VAL A 165 40.78 -11.55 -20.31
C VAL A 165 39.47 -12.33 -20.40
N ARG A 166 39.49 -13.43 -21.13
CA ARG A 166 38.35 -14.31 -21.28
C ARG A 166 38.15 -15.12 -20.01
N PRO A 167 36.98 -15.75 -19.82
CA PRO A 167 36.73 -16.47 -18.57
C PRO A 167 37.70 -17.59 -18.29
N ASN A 168 38.20 -18.30 -19.30
CA ASN A 168 39.21 -19.32 -19.11
C ASN A 168 40.61 -18.72 -18.97
N SER A 169 40.70 -17.43 -18.69
CA SER A 169 41.95 -16.71 -18.45
C SER A 169 42.79 -16.57 -19.71
N ASP A 170 42.20 -16.74 -20.89
CA ASP A 170 42.88 -16.41 -22.12
C ASP A 170 43.04 -14.90 -22.19
N VAL A 171 44.26 -14.44 -22.36
CA VAL A 171 44.58 -13.01 -22.38
C VAL A 171 44.76 -12.58 -23.82
N VAL A 172 43.92 -11.66 -24.28
CA VAL A 172 43.94 -11.16 -25.65
C VAL A 172 44.43 -9.73 -25.62
N ASN A 173 45.29 -9.38 -26.57
CA ASN A 173 45.91 -8.05 -26.61
C ASN A 173 45.57 -7.35 -27.92
N TYR A 174 45.34 -6.05 -27.83
CA TYR A 174 45.16 -5.21 -28.99
C TYR A 174 46.05 -3.99 -28.85
N ASP A 175 46.45 -3.40 -29.96
CA ASP A 175 47.26 -2.20 -29.95
C ASP A 175 46.66 -1.16 -30.89
N TYR A 176 46.78 0.09 -30.51
CA TYR A 176 46.35 1.17 -31.39
C TYR A 176 47.35 2.30 -31.25
N THR A 177 47.76 2.87 -32.36
CA THR A 177 48.68 4.00 -32.35
C THR A 177 48.10 5.15 -33.14
N TRP A 178 48.19 6.34 -32.55
CA TRP A 178 47.56 7.51 -33.15
C TRP A 178 48.57 8.64 -33.14
N ILE A 179 48.66 9.37 -34.25
CA ILE A 179 49.45 10.59 -34.33
C ILE A 179 48.56 11.70 -34.84
N GLY A 180 48.53 12.81 -34.13
CA GLY A 180 47.62 13.86 -34.47
C GLY A 180 47.82 15.12 -33.67
N LYS A 181 46.74 15.72 -33.20
CA LYS A 181 46.80 17.01 -32.56
C LYS A 181 46.30 16.94 -31.13
N ASP A 182 46.39 18.08 -30.48
CA ASP A 182 46.26 18.17 -29.03
C ASP A 182 44.79 18.06 -28.62
N TYR A 183 43.89 18.58 -29.44
CA TYR A 183 42.49 18.80 -29.12
C TYR A 183 41.55 17.83 -29.81
N GLU A 184 42.08 16.76 -30.40
CA GLU A 184 41.26 15.79 -31.11
C GLU A 184 41.03 14.55 -30.26
N ARG A 185 39.83 14.01 -30.37
CA ARG A 185 39.33 13.00 -29.45
C ARG A 185 39.61 11.59 -29.95
N ILE A 186 39.79 10.67 -29.02
CA ILE A 186 39.88 9.24 -29.30
C ILE A 186 38.85 8.52 -28.47
N SER A 187 38.12 7.59 -29.09
CA SER A 187 37.10 6.81 -28.41
C SER A 187 37.38 5.34 -28.59
N VAL A 188 37.38 4.58 -27.51
CA VAL A 188 37.49 3.13 -27.53
C VAL A 188 36.17 2.55 -27.05
N CYS A 189 35.44 1.88 -27.93
CA CYS A 189 34.11 1.40 -27.61
C CYS A 189 34.11 -0.11 -27.51
N TYR A 190 33.41 -0.64 -26.52
CA TYR A 190 33.34 -2.08 -26.26
C TYR A 190 31.90 -2.43 -25.97
N ASN A 191 31.31 -3.26 -26.81
CA ASN A 191 29.89 -3.61 -26.75
C ASN A 191 29.75 -5.04 -26.27
N LEU A 192 28.82 -5.26 -25.34
CA LEU A 192 28.50 -6.60 -24.88
C LEU A 192 27.05 -6.90 -25.23
N ILE A 193 26.86 -7.71 -26.26
CA ILE A 193 25.56 -7.98 -26.84
C ILE A 193 24.94 -9.19 -26.15
N SER A 194 23.65 -9.13 -25.88
CA SER A 194 22.91 -10.25 -25.32
C SER A 194 21.54 -10.28 -25.99
N HIS A 195 21.31 -11.24 -26.87
CA HIS A 195 20.06 -11.35 -27.60
C HIS A 195 19.22 -12.47 -27.02
N LEU A 196 17.95 -12.19 -26.75
CA LEU A 196 17.02 -13.20 -26.27
C LEU A 196 16.45 -13.93 -27.47
N GLN A 197 16.92 -15.15 -27.71
CA GLN A 197 16.58 -15.85 -28.93
C GLN A 197 15.57 -16.96 -28.75
N ARG A 198 15.27 -17.38 -27.53
CA ARG A 198 14.35 -18.49 -27.35
C ARG A 198 13.72 -18.48 -25.96
N ILE A 199 12.39 -18.48 -25.92
CA ILE A 199 11.63 -18.69 -24.70
C ILE A 199 11.00 -20.07 -24.80
N ASP A 200 10.94 -20.79 -23.69
CA ASP A 200 10.49 -22.17 -23.71
C ASP A 200 9.21 -22.33 -22.91
N GLY A 201 8.25 -23.04 -23.48
CA GLY A 201 6.95 -23.17 -22.91
C GLY A 201 5.91 -23.27 -24.01
N PRO A 202 4.64 -23.04 -23.67
CA PRO A 202 4.22 -22.56 -22.35
C PRO A 202 4.19 -23.65 -21.29
N HIS A 203 4.60 -23.30 -20.09
CA HIS A 203 4.66 -24.22 -18.96
C HIS A 203 3.46 -24.09 -18.04
N GLY A 204 2.28 -23.89 -18.61
CA GLY A 204 1.11 -23.79 -17.78
C GLY A 204 0.27 -22.61 -18.23
N ARG A 205 -0.36 -21.97 -17.25
CA ARG A 205 -1.14 -20.77 -17.53
C ARG A 205 -1.24 -19.97 -16.25
N ASP A 206 -0.86 -18.70 -16.30
CA ASP A 206 -1.12 -17.81 -15.18
C ASP A 206 -2.62 -17.62 -15.06
N ASP A 207 -3.13 -17.56 -13.83
CA ASP A 207 -4.56 -17.41 -13.64
C ASP A 207 -4.95 -15.99 -13.30
N GLU A 208 -4.14 -15.28 -12.53
CA GLU A 208 -4.40 -13.86 -12.26
C GLU A 208 -4.31 -13.05 -13.55
N ALA A 209 -3.28 -13.30 -14.35
CA ALA A 209 -3.19 -12.77 -15.70
C ALA A 209 -3.54 -13.89 -16.65
N GLU A 210 -4.56 -13.70 -17.47
CA GLU A 210 -5.04 -14.81 -18.28
C GLU A 210 -4.12 -15.07 -19.47
N MET A 211 -2.86 -15.37 -19.20
CA MET A 211 -1.84 -15.53 -20.21
C MET A 211 -1.09 -16.83 -19.97
N PRO A 212 -0.57 -17.45 -21.02
CA PRO A 212 0.34 -18.60 -20.83
C PRO A 212 1.65 -18.19 -20.18
N ILE A 213 2.24 -19.11 -19.44
CA ILE A 213 3.47 -18.88 -18.68
C ILE A 213 4.64 -19.46 -19.47
N TYR A 214 5.67 -18.65 -19.65
CA TYR A 214 6.91 -19.06 -20.29
C TYR A 214 8.05 -18.97 -19.28
N ARG A 215 9.22 -19.42 -19.70
CA ARG A 215 10.40 -19.33 -18.85
C ARG A 215 11.58 -18.82 -19.65
N ILE A 216 12.48 -18.13 -18.95
CA ILE A 216 13.66 -17.52 -19.54
C ILE A 216 14.86 -18.09 -18.82
N ILE A 217 15.57 -18.99 -19.46
CA ILE A 217 16.64 -19.73 -18.83
C ILE A 217 17.95 -18.98 -19.05
N ARG A 218 18.48 -18.41 -17.98
CA ARG A 218 19.73 -17.68 -18.05
C ARG A 218 20.88 -18.39 -17.37
N ARG A 219 20.62 -19.23 -16.37
CA ARG A 219 21.66 -19.83 -15.57
C ARG A 219 21.73 -21.32 -15.82
N ASP A 220 22.83 -21.91 -15.37
CA ASP A 220 23.04 -23.34 -15.53
C ASP A 220 21.91 -24.10 -14.85
N SER A 221 21.06 -24.69 -15.67
CA SER A 221 19.84 -25.34 -15.19
C SER A 221 19.62 -26.58 -16.03
N GLY A 222 18.47 -27.22 -15.84
CA GLY A 222 18.18 -28.38 -16.65
C GLY A 222 17.63 -28.08 -18.01
N SER A 223 17.46 -26.81 -18.36
CA SER A 223 16.75 -26.43 -19.56
C SER A 223 17.70 -25.86 -20.60
N ILE A 224 17.14 -25.49 -21.74
CA ILE A 224 17.92 -25.04 -22.89
C ILE A 224 18.14 -23.53 -22.80
N PRO A 225 19.36 -23.04 -22.97
CA PRO A 225 19.61 -21.61 -22.73
C PRO A 225 18.90 -20.73 -23.73
N SER A 226 18.56 -19.52 -23.26
CA SER A 226 17.83 -18.55 -24.05
C SER A 226 18.71 -17.49 -24.69
N TYR A 227 19.59 -16.85 -23.92
CA TYR A 227 20.35 -15.71 -24.37
C TYR A 227 21.57 -16.14 -25.16
N ALA A 228 21.83 -15.45 -26.26
CA ALA A 228 23.03 -15.63 -27.06
C ALA A 228 23.90 -14.39 -26.94
N SER A 229 25.18 -14.58 -26.70
CA SER A 229 26.05 -13.47 -26.30
C SER A 229 27.19 -13.29 -27.28
N GLY A 230 27.46 -12.03 -27.62
CA GLY A 230 28.57 -11.66 -28.47
C GLY A 230 29.30 -10.45 -27.94
N GLU A 231 30.15 -9.84 -28.75
CA GLU A 231 30.84 -8.63 -28.37
C GLU A 231 31.22 -7.85 -29.63
N HIS A 232 31.71 -6.64 -29.44
CA HIS A 232 32.08 -5.78 -30.56
C HIS A 232 33.01 -4.70 -30.04
N LEU A 233 34.27 -4.75 -30.44
CA LEU A 233 35.28 -3.82 -29.95
C LEU A 233 35.83 -3.03 -31.13
N TYR A 234 35.93 -1.72 -30.96
CA TYR A 234 36.39 -0.87 -32.05
C TYR A 234 36.92 0.44 -31.48
N VAL A 235 37.69 1.15 -32.28
CA VAL A 235 38.30 2.42 -31.89
C VAL A 235 37.89 3.47 -32.91
N ILE A 236 37.64 4.69 -32.45
CA ILE A 236 37.31 5.80 -33.30
C ILE A 236 38.36 6.88 -33.09
N SER A 237 38.92 7.39 -34.17
CA SER A 237 39.82 8.53 -34.08
C SER A 237 39.63 9.41 -35.31
N SER A 238 40.02 10.67 -35.18
CA SER A 238 39.71 11.65 -36.21
C SER A 238 40.89 12.57 -36.40
N HIS A 239 40.93 13.20 -37.58
CA HIS A 239 41.91 14.22 -37.91
C HIS A 239 41.18 15.45 -38.42
N LEU A 240 41.09 16.47 -37.57
CA LEU A 240 40.55 17.76 -37.95
C LEU A 240 41.69 18.48 -38.66
N HIS A 241 41.54 18.75 -39.95
CA HIS A 241 42.67 19.31 -40.66
C HIS A 241 42.80 20.81 -40.43
N VAL A 242 42.92 21.23 -39.17
CA VAL A 242 42.87 22.66 -38.87
C VAL A 242 44.13 23.36 -39.37
N ASP A 243 45.30 22.74 -39.18
CA ASP A 243 46.54 23.41 -39.53
C ASP A 243 46.66 23.64 -41.03
N GLU A 244 46.35 22.64 -41.86
CA GLU A 244 46.47 22.91 -43.29
C GLU A 244 45.32 23.75 -43.80
N ILE A 245 44.19 23.78 -43.10
CA ILE A 245 43.17 24.75 -43.46
C ILE A 245 43.68 26.16 -43.23
N VAL A 246 44.31 26.40 -42.08
CA VAL A 246 44.80 27.75 -41.77
C VAL A 246 45.98 28.10 -42.66
N ARG A 247 46.69 27.10 -43.17
CA ARG A 247 47.81 27.37 -44.06
C ARG A 247 47.33 27.66 -45.48
N ARG A 248 46.57 26.74 -46.07
CA ARG A 248 46.09 26.93 -47.44
C ARG A 248 44.87 27.83 -47.53
N ARG A 249 44.27 28.20 -46.40
CA ARG A 249 43.09 29.08 -46.36
C ARG A 249 41.96 28.59 -47.26
N GLU A 250 41.81 27.27 -47.34
CA GLU A 250 40.65 26.65 -47.97
C GLU A 250 40.15 25.52 -47.09
N HIS A 251 38.82 25.38 -47.01
CA HIS A 251 38.24 24.45 -46.07
C HIS A 251 38.44 23.00 -46.51
N LYS A 252 38.44 22.11 -45.52
CA LYS A 252 38.69 20.70 -45.75
C LYS A 252 37.90 19.90 -44.72
N SER A 253 36.94 19.11 -45.19
CA SER A 253 36.05 18.38 -44.29
C SER A 253 36.85 17.48 -43.37
N ILE A 254 36.36 17.31 -42.13
CA ILE A 254 37.06 16.45 -41.19
C ILE A 254 37.00 15.01 -41.67
N SER A 255 37.91 14.19 -41.16
CA SER A 255 37.98 12.79 -41.54
C SER A 255 37.97 11.94 -40.29
N VAL A 256 36.95 11.10 -40.16
CA VAL A 256 36.79 10.23 -39.00
C VAL A 256 36.97 8.80 -39.44
N ASP A 257 37.79 8.04 -38.73
CA ASP A 257 38.13 6.69 -39.12
C ASP A 257 37.83 5.72 -38.00
N VAL A 258 36.98 4.73 -38.27
CA VAL A 258 36.58 3.73 -37.29
C VAL A 258 37.36 2.46 -37.54
N THR A 259 38.14 2.04 -36.56
CA THR A 259 38.98 0.85 -36.67
C THR A 259 38.33 -0.29 -35.91
N GLN A 260 37.97 -1.34 -36.64
CA GLN A 260 37.38 -2.55 -36.06
C GLN A 260 38.49 -3.35 -35.39
N LEU A 261 38.16 -3.99 -34.27
CA LEU A 261 39.13 -4.82 -33.58
C LEU A 261 38.59 -6.19 -33.18
N SER A 262 37.29 -6.36 -33.03
CA SER A 262 36.72 -7.62 -32.61
C SER A 262 35.21 -7.57 -32.82
N LEU A 263 34.66 -8.60 -33.45
CA LEU A 263 33.21 -8.67 -33.63
C LEU A 263 32.78 -10.12 -33.56
N ILE A 264 32.23 -10.52 -32.42
CA ILE A 264 31.74 -11.88 -32.21
C ILE A 264 30.23 -11.85 -32.29
N LEU A 265 29.69 -12.42 -33.35
CA LEU A 265 28.25 -12.40 -33.53
C LEU A 265 27.57 -13.30 -32.51
N PRO A 266 26.43 -12.89 -31.98
CA PRO A 266 25.69 -13.75 -31.04
C PRO A 266 24.94 -14.87 -31.76
N ILE A 267 25.68 -15.93 -32.09
CA ILE A 267 25.15 -17.00 -32.93
C ILE A 267 24.53 -18.08 -32.07
N ILE A 268 25.33 -18.67 -31.20
CA ILE A 268 24.91 -19.81 -30.38
C ILE A 268 24.42 -19.33 -29.04
N ARG A 269 23.68 -20.19 -28.35
CA ARG A 269 23.02 -19.83 -27.11
C ARG A 269 23.73 -20.49 -25.94
N THR A 270 24.16 -19.67 -24.98
CA THR A 270 24.91 -20.14 -23.83
C THR A 270 24.26 -19.64 -22.56
N PHE A 271 24.66 -20.23 -21.44
CA PHE A 271 24.17 -19.80 -20.15
C PHE A 271 24.93 -18.58 -19.67
N ASN A 272 24.37 -17.92 -18.65
CA ASN A 272 25.04 -16.85 -17.92
C ASN A 272 25.32 -15.62 -18.78
N PRO A 273 24.30 -14.94 -19.30
CA PRO A 273 24.57 -13.71 -20.05
C PRO A 273 25.08 -12.61 -19.13
N VAL A 274 25.36 -11.46 -19.72
CA VAL A 274 25.88 -10.33 -18.95
C VAL A 274 24.72 -9.68 -18.20
N ASP A 275 24.78 -9.71 -16.88
CA ASP A 275 23.87 -8.96 -16.04
C ASP A 275 24.60 -7.72 -15.55
N LEU A 276 23.97 -6.56 -15.69
CA LEU A 276 24.67 -5.31 -15.43
C LEU A 276 24.68 -4.94 -13.97
N ARG A 277 24.07 -5.74 -13.10
CA ARG A 277 24.21 -5.51 -11.68
C ARG A 277 25.52 -6.07 -11.13
N GLU A 278 26.28 -6.77 -11.96
CA GLU A 278 27.47 -7.48 -11.52
C GLU A 278 28.75 -6.87 -12.07
N VAL A 279 28.65 -5.94 -13.00
CA VAL A 279 29.80 -5.26 -13.57
C VAL A 279 30.33 -4.28 -12.54
N ARG A 280 31.61 -4.40 -12.21
CA ARG A 280 32.28 -3.45 -11.34
C ARG A 280 33.23 -2.61 -12.17
N ILE A 281 33.19 -1.30 -11.98
CA ILE A 281 34.09 -0.37 -12.63
C ILE A 281 35.17 -0.01 -11.63
N GLU A 282 36.27 -0.77 -11.62
CA GLU A 282 37.26 -0.65 -10.57
C GLU A 282 38.03 0.67 -10.64
N ASP A 283 38.79 0.90 -11.69
CA ASP A 283 39.68 2.06 -11.73
C ASP A 283 39.55 2.82 -13.04
N ILE A 284 39.63 4.14 -12.95
CA ILE A 284 39.60 5.04 -14.09
C ILE A 284 40.43 6.26 -13.72
N THR A 285 41.44 6.55 -14.50
CA THR A 285 42.32 7.66 -14.17
C THR A 285 41.57 8.97 -14.38
N PRO A 286 41.67 9.93 -13.46
CA PRO A 286 40.99 11.21 -13.65
C PRO A 286 41.44 11.90 -14.92
N GLY A 287 40.50 12.56 -15.59
CA GLY A 287 40.71 13.16 -16.88
C GLY A 287 40.22 12.33 -18.04
N ILE A 288 40.04 11.03 -17.83
CA ILE A 288 39.48 10.14 -18.83
C ILE A 288 37.97 10.15 -18.68
N GLU A 289 37.26 10.16 -19.80
CA GLU A 289 35.80 10.17 -19.77
C GLU A 289 35.25 8.80 -20.10
N PHE A 290 34.49 8.23 -19.17
CA PHE A 290 33.97 6.89 -19.31
C PHE A 290 32.46 6.93 -19.15
N THR A 291 31.73 6.49 -20.16
CA THR A 291 30.28 6.43 -20.12
C THR A 291 29.81 5.02 -20.46
N ILE A 292 28.60 4.70 -20.01
CA ILE A 292 27.94 3.44 -20.33
C ILE A 292 26.71 3.78 -21.16
N ASN A 293 26.66 3.24 -22.38
CA ASN A 293 25.62 3.56 -23.34
C ASN A 293 24.82 2.30 -23.61
N MET A 294 23.57 2.28 -23.19
CA MET A 294 22.81 1.06 -23.06
C MET A 294 21.40 1.22 -23.61
N GLU A 295 20.90 0.17 -24.24
CA GLU A 295 19.49 0.11 -24.63
C GLU A 295 18.87 -1.15 -24.05
N VAL A 296 17.98 -0.99 -23.07
CA VAL A 296 17.30 -2.08 -22.38
C VAL A 296 15.85 -2.09 -22.83
N SER A 297 15.33 -3.27 -23.13
CA SER A 297 13.96 -3.39 -23.60
C SER A 297 12.98 -3.06 -22.49
N THR A 298 11.90 -2.34 -22.84
CA THR A 298 10.86 -2.08 -21.87
C THR A 298 10.18 -3.37 -21.42
N TYR A 299 9.87 -4.26 -22.36
CA TYR A 299 9.40 -5.59 -22.06
C TYR A 299 10.28 -6.59 -22.80
N LEU A 300 10.40 -7.78 -22.24
CA LEU A 300 11.17 -8.83 -22.90
C LEU A 300 10.55 -9.18 -24.25
N ALA A 301 11.38 -9.28 -25.26
CA ALA A 301 10.91 -9.56 -26.61
C ALA A 301 11.90 -10.48 -27.30
N GLU A 302 11.38 -11.50 -27.95
CA GLU A 302 12.20 -12.48 -28.63
C GLU A 302 12.74 -11.84 -29.91
N SER A 303 14.05 -11.91 -30.11
CA SER A 303 14.67 -11.22 -31.23
C SER A 303 14.59 -12.05 -32.51
N SER A 304 15.43 -11.70 -33.48
CA SER A 304 15.49 -12.41 -34.75
C SER A 304 16.76 -13.25 -34.82
N GLY A 305 16.61 -14.50 -35.21
CA GLY A 305 17.73 -15.41 -35.30
C GLY A 305 18.54 -15.31 -36.57
N SER A 306 18.10 -14.51 -37.54
CA SER A 306 18.84 -14.40 -38.81
C SER A 306 20.17 -13.70 -38.58
N HIS A 307 21.17 -14.06 -39.39
CA HIS A 307 22.50 -13.49 -39.22
C HIS A 307 22.51 -12.01 -39.58
N VAL A 308 21.93 -11.66 -40.73
CA VAL A 308 21.96 -10.28 -41.20
C VAL A 308 21.18 -9.38 -40.25
N ASP A 309 20.08 -9.89 -39.68
CA ASP A 309 19.31 -9.11 -38.72
C ASP A 309 20.11 -8.83 -37.46
N MET A 310 20.79 -9.84 -36.92
CA MET A 310 21.63 -9.62 -35.75
C MET A 310 22.70 -8.58 -36.05
N GLN A 311 23.31 -8.67 -37.22
CA GLN A 311 24.44 -7.79 -37.48
C GLN A 311 23.97 -6.37 -37.75
N ARG A 312 22.79 -6.20 -38.33
CA ARG A 312 22.21 -4.86 -38.42
C ARG A 312 21.86 -4.31 -37.05
N ALA A 313 21.37 -5.16 -36.15
CA ALA A 313 21.03 -4.68 -34.82
C ALA A 313 22.27 -4.21 -34.09
N ILE A 314 23.40 -4.86 -34.29
CA ILE A 314 24.65 -4.39 -33.69
C ILE A 314 25.13 -3.11 -34.37
N MET A 315 25.12 -3.07 -35.69
CA MET A 315 25.70 -1.95 -36.40
C MET A 315 24.88 -0.69 -36.32
N ASN A 316 23.58 -0.75 -36.02
CA ASN A 316 22.84 0.49 -35.83
C ASN A 316 23.28 1.20 -34.56
N HIS A 317 23.49 0.44 -33.49
CA HIS A 317 24.07 0.97 -32.27
C HIS A 317 25.42 1.62 -32.55
N ALA A 318 26.29 0.88 -33.25
CA ALA A 318 27.61 1.41 -33.56
C ALA A 318 27.52 2.69 -34.40
N ASP A 319 26.62 2.71 -35.38
CA ASP A 319 26.49 3.85 -36.27
C ASP A 319 26.00 5.08 -35.54
N LYS A 320 25.06 4.93 -34.61
CA LYS A 320 24.62 6.09 -33.85
C LYS A 320 25.75 6.65 -32.99
N ILE A 321 26.54 5.77 -32.37
CA ILE A 321 27.65 6.26 -31.55
C ILE A 321 28.67 7.01 -32.39
N VAL A 322 29.05 6.43 -33.54
CA VAL A 322 30.00 7.10 -34.43
C VAL A 322 29.44 8.42 -34.93
N GLY A 323 28.14 8.48 -35.20
CA GLY A 323 27.55 9.72 -35.67
C GLY A 323 27.64 10.83 -34.65
N ASN A 324 27.33 10.53 -33.39
CA ASN A 324 27.46 11.55 -32.35
C ASN A 324 28.91 12.01 -32.20
N TYR A 325 29.84 11.06 -32.25
CA TYR A 325 31.26 11.43 -32.20
C TYR A 325 31.63 12.41 -33.32
N THR A 326 31.23 12.09 -34.55
CA THR A 326 31.58 12.93 -35.69
C THR A 326 30.97 14.32 -35.55
N GLY A 327 29.74 14.42 -35.05
CA GLY A 327 29.15 15.73 -34.83
C GLY A 327 29.95 16.55 -33.84
N GLN A 328 30.35 15.93 -32.73
CA GLN A 328 31.16 16.66 -31.76
C GLN A 328 32.46 17.15 -32.38
N GLN A 329 33.06 16.33 -33.23
CA GLN A 329 34.32 16.75 -33.85
C GLN A 329 34.12 17.89 -34.85
N TRP A 330 32.99 17.92 -35.55
CA TRP A 330 32.68 19.09 -36.36
C TRP A 330 32.63 20.33 -35.50
N ASN A 331 32.02 20.23 -34.31
CA ASN A 331 31.98 21.38 -33.41
C ASN A 331 33.36 21.83 -33.01
N VAL A 332 34.25 20.88 -32.70
CA VAL A 332 35.60 21.23 -32.27
C VAL A 332 36.37 21.92 -33.39
N GLN A 333 36.26 21.42 -34.62
CA GLN A 333 36.93 22.10 -35.73
C GLN A 333 36.40 23.51 -35.91
N SER A 334 35.07 23.69 -35.83
CA SER A 334 34.51 25.01 -36.04
C SER A 334 35.00 25.99 -34.98
N ASN A 335 35.11 25.54 -33.72
CA ASN A 335 35.65 26.45 -32.70
C ASN A 335 37.13 26.69 -32.86
N MET A 336 37.88 25.74 -33.41
CA MET A 336 39.30 26.00 -33.57
C MET A 336 39.58 26.98 -34.71
N LEU A 337 38.71 27.03 -35.71
CA LEU A 337 38.96 27.90 -36.86
C LEU A 337 38.73 29.38 -36.54
N SER A 338 37.72 29.71 -35.75
CA SER A 338 37.51 31.10 -35.35
C SER A 338 36.63 31.13 -34.12
N GLU A 339 36.18 32.32 -33.75
CA GLU A 339 35.50 32.50 -32.48
C GLU A 339 34.02 32.21 -32.59
N VAL A 340 33.55 31.28 -31.77
CA VAL A 340 32.13 30.99 -31.65
C VAL A 340 31.70 31.31 -30.22
N ARG A 341 30.65 32.10 -30.08
CA ARG A 341 30.12 32.48 -28.79
C ARG A 341 28.89 31.65 -28.47
N THR A 342 28.80 31.21 -27.22
CA THR A 342 27.73 30.34 -26.76
C THR A 342 27.21 30.84 -25.42
N GLN A 343 25.92 30.61 -25.17
CA GLN A 343 25.32 30.89 -23.87
C GLN A 343 24.92 29.59 -23.20
N MET A 344 25.55 29.29 -22.07
CA MET A 344 25.21 28.10 -21.30
C MET A 344 23.79 28.23 -20.78
N LEU A 345 23.02 27.16 -20.92
CA LEU A 345 21.63 27.20 -20.48
C LEU A 345 21.57 27.44 -18.97
N GLU A 346 21.15 28.65 -18.59
CA GLU A 346 21.07 28.99 -17.19
C GLU A 346 20.15 28.02 -16.45
N GLU A 347 20.55 27.67 -15.23
CA GLU A 347 19.95 26.60 -14.47
C GLU A 347 18.73 27.12 -13.70
N GLU A 348 17.88 26.18 -13.27
CA GLU A 348 16.75 26.55 -12.43
C GLU A 348 17.26 27.11 -11.10
N ASP A 349 16.39 27.83 -10.40
CA ASP A 349 16.75 28.35 -9.09
C ASP A 349 16.44 27.28 -8.04
N GLU A 350 17.49 26.81 -7.36
CA GLU A 350 17.27 25.93 -6.22
C GLU A 350 16.80 26.71 -5.00
N GLU A 351 17.35 27.90 -4.78
CA GLU A 351 17.12 28.61 -3.54
C GLU A 351 15.72 29.22 -3.49
N ALA A 352 15.23 29.74 -4.61
CA ALA A 352 13.89 30.32 -4.61
C ALA A 352 12.82 29.23 -4.44
N ARG A 353 12.98 28.12 -5.13
CA ARG A 353 12.06 27.02 -4.97
C ARG A 353 12.12 26.47 -3.55
N GLN A 354 13.31 26.44 -2.96
CA GLN A 354 13.42 26.01 -1.58
C GLN A 354 12.69 26.96 -0.63
N ARG A 355 12.81 28.26 -0.85
CA ARG A 355 12.06 29.22 -0.02
C ARG A 355 10.56 29.01 -0.17
N GLY A 356 10.08 28.82 -1.40
CA GLY A 356 8.66 28.60 -1.59
C GLY A 356 8.16 27.37 -0.88
N ASP A 357 8.90 26.26 -1.02
CA ASP A 357 8.48 25.02 -0.37
C ASP A 357 8.57 25.12 1.14
N TYR A 358 9.55 25.87 1.66
CA TYR A 358 9.65 26.05 3.10
C TYR A 358 8.48 26.85 3.65
N THR A 359 8.04 27.86 2.91
CA THR A 359 6.85 28.60 3.33
C THR A 359 5.61 27.71 3.32
N THR A 360 5.46 26.88 2.29
CA THR A 360 4.32 25.96 2.26
C THR A 360 4.35 25.00 3.45
N SER A 361 5.52 24.47 3.75
CA SER A 361 5.67 23.60 4.92
C SER A 361 5.28 24.31 6.21
N THR A 362 5.70 25.56 6.37
CA THR A 362 5.35 26.29 7.59
C THR A 362 3.85 26.56 7.66
N LEU A 363 3.21 26.77 6.52
CA LEU A 363 1.75 26.86 6.51
C LEU A 363 1.11 25.57 7.01
N VAL A 364 1.64 24.43 6.58
CA VAL A 364 1.13 23.15 7.08
C VAL A 364 1.31 23.05 8.59
N GLN A 365 2.46 23.51 9.09
CA GLN A 365 2.69 23.47 10.53
C GLN A 365 1.68 24.30 11.29
N THR A 366 1.33 25.47 10.75
CA THR A 366 0.33 26.31 11.40
C THR A 366 -1.07 25.68 11.35
N MET A 367 -1.40 25.00 10.26
CA MET A 367 -2.65 24.23 10.24
C MET A 367 -2.65 23.17 11.33
N ALA A 368 -1.52 22.51 11.54
CA ALA A 368 -1.44 21.55 12.63
C ALA A 368 -1.64 22.22 13.97
N GLN A 369 -1.07 23.42 14.16
CA GLN A 369 -1.23 24.11 15.43
C GLN A 369 -2.68 24.51 15.67
N VAL A 370 -3.41 24.80 14.60
CA VAL A 370 -4.83 25.07 14.74
C VAL A 370 -5.59 23.81 15.13
N SER A 371 -5.28 22.68 14.49
CA SER A 371 -5.99 21.46 14.84
C SER A 371 -5.65 20.98 16.24
N ASP A 372 -4.52 21.39 16.80
CA ASP A 372 -4.11 20.89 18.10
C ASP A 372 -5.06 21.33 19.21
N LEU A 373 -5.78 22.42 18.99
CA LEU A 373 -6.73 22.92 19.98
C LEU A 373 -7.86 21.93 20.23
N PHE A 374 -8.16 21.08 19.25
CA PHE A 374 -9.21 20.08 19.42
C PHE A 374 -8.86 19.09 20.53
N SER A 375 -7.60 19.06 20.94
CA SER A 375 -7.21 18.20 22.05
C SER A 375 -7.61 18.79 23.39
N SER A 376 -8.11 20.02 23.39
CA SER A 376 -8.67 20.62 24.60
C SER A 376 -10.20 20.61 24.62
N THR A 377 -10.84 20.10 23.58
CA THR A 377 -12.28 20.03 23.49
C THR A 377 -12.70 18.57 23.71
N ILE A 378 -14.00 18.33 23.73
CA ILE A 378 -14.55 16.98 23.85
C ILE A 378 -15.21 16.62 22.52
N LEU A 379 -14.63 15.64 21.83
CA LEU A 379 -15.14 15.20 20.55
C LEU A 379 -15.91 13.90 20.70
N TYR A 380 -16.87 13.68 19.81
CA TYR A 380 -17.76 12.53 19.86
C TYR A 380 -17.68 11.73 18.55
N ARG A 381 -18.33 10.57 18.53
CA ARG A 381 -18.49 9.79 17.31
C ARG A 381 -19.88 9.14 17.29
N ARG A 382 -20.32 8.80 16.07
CA ARG A 382 -21.59 8.12 15.86
C ARG A 382 -21.54 6.67 16.33
N ALA A 383 -22.50 6.28 17.17
CA ALA A 383 -22.56 4.94 17.74
C ALA A 383 -23.90 4.31 17.41
N GLU A 384 -23.88 3.02 17.04
CA GLU A 384 -25.04 2.26 16.63
C GLU A 384 -24.74 0.77 16.77
N ALA A 385 -25.72 0.01 17.26
CA ALA A 385 -25.56 -1.42 17.43
C ALA A 385 -26.91 -2.06 17.70
N ARG A 386 -26.90 -3.37 18.02
CA ARG A 386 -28.08 -4.08 18.45
C ARG A 386 -27.69 -5.31 19.28
N LEU A 387 -28.48 -5.60 20.30
CA LEU A 387 -28.31 -6.80 21.13
C LEU A 387 -29.56 -7.67 20.95
N ASP A 388 -29.35 -8.96 20.66
CA ASP A 388 -30.47 -9.82 20.31
C ASP A 388 -31.03 -10.54 21.53
N ASN A 389 -32.15 -11.24 21.31
CA ASN A 389 -32.77 -12.10 22.31
C ASN A 389 -31.79 -13.16 22.81
N THR A 390 -31.39 -13.08 24.08
CA THR A 390 -30.41 -13.98 24.64
C THR A 390 -30.83 -14.44 26.03
N VAL A 391 -30.14 -15.46 26.54
CA VAL A 391 -30.38 -16.00 27.87
C VAL A 391 -29.13 -15.78 28.70
N GLY A 392 -29.31 -15.25 29.90
CA GLY A 392 -28.18 -14.99 30.79
C GLY A 392 -28.56 -15.32 32.22
N ALA A 393 -27.55 -15.73 32.99
CA ALA A 393 -27.75 -16.27 34.32
C ALA A 393 -26.86 -15.54 35.31
N PHE A 394 -27.44 -15.13 36.44
CA PHE A 394 -26.73 -14.55 37.56
C PHE A 394 -27.34 -15.09 38.84
N GLU A 395 -26.51 -15.67 39.70
CA GLU A 395 -26.98 -16.29 40.93
C GLU A 395 -26.75 -15.37 42.13
N LEU A 396 -27.60 -15.52 43.14
CA LEU A 396 -27.46 -14.76 44.37
C LEU A 396 -26.38 -15.37 45.26
N LEU A 397 -26.33 -14.93 46.51
CA LEU A 397 -25.43 -15.56 47.47
C LEU A 397 -25.91 -16.96 47.85
N ARG A 398 -27.21 -17.10 48.14
CA ARG A 398 -27.82 -18.33 48.58
C ARG A 398 -29.22 -18.48 47.99
N PRO A 399 -29.75 -19.69 47.93
CA PRO A 399 -31.19 -19.86 47.69
C PRO A 399 -32.00 -19.27 48.83
N VAL A 400 -33.24 -18.90 48.52
CA VAL A 400 -34.13 -18.26 49.48
C VAL A 400 -34.63 -19.34 50.45
N LEU A 401 -34.07 -19.35 51.66
CA LEU A 401 -34.42 -20.33 52.68
C LEU A 401 -34.31 -19.69 54.06
N SER A 402 -35.29 -20.00 54.91
CA SER A 402 -35.33 -19.53 56.29
C SER A 402 -35.85 -20.66 57.15
N ILE A 403 -35.58 -20.59 58.45
CA ILE A 403 -35.91 -21.68 59.37
C ILE A 403 -36.78 -21.12 60.49
N PRO A 404 -38.01 -21.60 60.67
CA PRO A 404 -38.72 -21.35 61.93
C PRO A 404 -37.99 -21.97 63.11
N SER A 405 -38.05 -21.28 64.24
CA SER A 405 -37.34 -21.69 65.45
C SER A 405 -38.30 -22.33 66.45
N GLU A 406 -37.72 -23.14 67.34
CA GLU A 406 -38.49 -23.91 68.33
C GLU A 406 -39.49 -24.83 67.62
N TYR A 407 -38.95 -25.81 66.89
CA TYR A 407 -39.75 -26.78 66.17
C TYR A 407 -39.57 -28.16 66.82
N VAL A 408 -40.65 -28.67 67.42
CA VAL A 408 -40.61 -29.92 68.19
C VAL A 408 -41.51 -30.94 67.49
N HIS A 409 -41.05 -32.18 67.42
CA HIS A 409 -41.63 -33.20 66.55
C HIS A 409 -42.42 -34.20 67.39
N ASN A 410 -43.71 -34.36 67.08
CA ASN A 410 -44.59 -35.26 67.82
C ASN A 410 -44.67 -36.66 67.23
N GLY A 411 -43.85 -36.99 66.23
CA GLY A 411 -43.84 -38.33 65.70
C GLY A 411 -42.78 -39.21 66.35
N ARG A 412 -42.70 -40.45 65.86
CA ARG A 412 -41.65 -41.36 66.30
C ARG A 412 -40.30 -41.02 65.70
N VAL A 413 -40.27 -40.68 64.41
CA VAL A 413 -39.02 -40.36 63.70
C VAL A 413 -39.15 -38.98 63.07
N GLY A 414 -38.16 -38.12 63.34
CA GLY A 414 -38.18 -36.77 62.86
C GLY A 414 -36.79 -36.22 62.54
N PRO A 415 -36.56 -34.95 62.88
CA PRO A 415 -35.30 -34.30 62.48
C PRO A 415 -34.05 -34.91 63.08
N ILE A 416 -34.12 -35.44 64.29
CA ILE A 416 -32.94 -35.77 65.07
C ILE A 416 -32.84 -37.25 65.40
N THR A 417 -33.91 -37.87 65.85
CA THR A 417 -33.86 -39.26 66.30
C THR A 417 -34.49 -40.19 65.28
N ASN A 418 -33.69 -41.15 64.81
CA ASN A 418 -34.11 -42.20 63.90
C ASN A 418 -33.58 -43.51 64.49
N ILE A 419 -34.34 -44.09 65.42
CA ILE A 419 -33.91 -45.23 66.21
C ILE A 419 -34.94 -46.33 66.05
N PRO A 420 -34.53 -47.58 65.85
CA PRO A 420 -35.49 -48.68 65.81
C PRO A 420 -36.01 -49.03 67.20
N ALA A 421 -37.19 -49.65 67.22
CA ALA A 421 -37.63 -50.33 68.42
C ALA A 421 -37.12 -51.76 68.47
N ASN A 422 -36.56 -52.25 67.36
CA ASN A 422 -36.01 -53.60 67.32
C ASN A 422 -34.74 -53.72 68.16
N ALA A 423 -33.92 -52.67 68.19
CA ALA A 423 -32.69 -52.73 68.98
C ALA A 423 -33.02 -52.77 70.46
N SER A 424 -32.09 -53.31 71.24
CA SER A 424 -32.31 -53.50 72.67
C SER A 424 -32.18 -52.18 73.41
N ILE A 425 -33.31 -51.50 73.63
CA ILE A 425 -33.36 -50.30 74.45
C ILE A 425 -34.61 -50.38 75.33
N VAL A 426 -34.40 -50.50 76.63
CA VAL A 426 -35.50 -50.56 77.59
C VAL A 426 -35.29 -49.46 78.62
N THR A 427 -36.39 -49.05 79.25
CA THR A 427 -36.39 -48.04 80.30
C THR A 427 -36.88 -48.68 81.60
N SER A 428 -37.17 -47.83 82.58
CA SER A 428 -37.60 -48.34 83.89
C SER A 428 -38.91 -49.09 83.80
N SER A 429 -39.64 -48.93 82.69
CA SER A 429 -40.80 -49.77 82.42
C SER A 429 -40.38 -51.09 81.81
N SER A 430 -41.12 -52.14 82.15
CA SER A 430 -40.82 -53.48 81.65
C SER A 430 -41.19 -53.57 80.17
N SER A 431 -40.16 -53.62 79.32
CA SER A 431 -40.34 -53.64 77.87
C SER A 431 -41.16 -52.44 77.40
N GLY A 432 -40.82 -51.26 77.89
CA GLY A 432 -41.51 -50.04 77.49
C GLY A 432 -40.64 -49.12 76.65
N ALA A 433 -40.99 -48.98 75.37
CA ALA A 433 -40.24 -48.09 74.49
C ALA A 433 -40.49 -46.64 74.85
N GLY A 434 -39.59 -45.76 74.39
CA GLY A 434 -39.65 -44.37 74.76
C GLY A 434 -40.47 -43.50 73.80
N GLN A 435 -40.60 -42.23 74.17
CA GLN A 435 -41.25 -41.22 73.36
C GLN A 435 -40.34 -40.02 73.19
N VAL A 436 -39.82 -39.82 71.99
CA VAL A 436 -38.78 -38.84 71.72
C VAL A 436 -39.40 -37.49 71.42
N ARG A 437 -38.64 -36.43 71.64
CA ARG A 437 -38.96 -35.11 71.12
C ARG A 437 -37.70 -34.51 70.52
N ASN A 438 -37.86 -33.93 69.33
CA ASN A 438 -36.73 -33.45 68.55
C ASN A 438 -36.93 -31.98 68.20
N ILE A 439 -35.96 -31.15 68.54
CA ILE A 439 -36.11 -29.70 68.53
C ILE A 439 -35.02 -29.09 67.67
N PHE A 440 -35.40 -28.17 66.79
CA PHE A 440 -34.49 -27.50 65.88
C PHE A 440 -34.40 -26.02 66.26
N LYS A 441 -33.18 -25.55 66.51
CA LYS A 441 -33.00 -24.20 67.00
C LYS A 441 -31.93 -23.46 66.20
N PRO A 442 -32.31 -22.66 65.21
CA PRO A 442 -31.32 -21.78 64.57
C PRO A 442 -30.97 -20.63 65.50
N ILE A 443 -29.68 -20.29 65.53
CA ILE A 443 -29.14 -19.27 66.42
C ILE A 443 -28.86 -18.03 65.57
N GLY A 444 -29.58 -16.96 65.82
CA GLY A 444 -29.32 -15.68 65.21
C GLY A 444 -30.55 -15.10 64.56
N ASP A 445 -30.37 -13.92 63.98
CA ASP A 445 -31.44 -13.25 63.25
C ASP A 445 -31.29 -13.52 61.76
N GLN A 446 -32.43 -13.49 61.05
CA GLN A 446 -32.46 -13.90 59.65
C GLN A 446 -32.46 -12.73 58.65
N THR A 447 -32.40 -11.48 59.11
CA THR A 447 -32.56 -10.36 58.20
C THR A 447 -31.34 -10.17 57.30
N ILE A 448 -31.59 -9.98 56.01
CA ILE A 448 -30.54 -9.68 55.03
C ILE A 448 -31.04 -8.57 54.10
N ASN A 449 -30.25 -7.51 53.98
CA ASN A 449 -30.53 -6.42 53.06
C ASN A 449 -29.28 -6.08 52.25
N GLU A 450 -29.24 -6.54 51.00
CA GLU A 450 -28.18 -6.20 50.08
C GLU A 450 -28.77 -5.85 48.73
N SER A 451 -28.11 -4.94 48.02
CA SER A 451 -28.48 -4.58 46.66
C SER A 451 -27.34 -4.98 45.74
N HIS A 452 -27.69 -5.57 44.60
CA HIS A 452 -26.75 -6.30 43.77
C HIS A 452 -26.23 -5.44 42.62
N PHE A 453 -25.04 -5.81 42.14
CA PHE A 453 -24.42 -5.28 40.93
C PHE A 453 -24.45 -6.40 39.90
N ALA A 454 -25.56 -6.52 39.19
CA ALA A 454 -25.74 -7.67 38.29
C ALA A 454 -24.93 -7.48 37.01
N ASN A 455 -24.43 -8.60 36.47
CA ASN A 455 -23.68 -8.56 35.22
C ASN A 455 -24.41 -9.34 34.14
N VAL A 456 -24.96 -8.62 33.17
CA VAL A 456 -25.68 -9.26 32.06
C VAL A 456 -24.72 -9.50 30.91
N PHE A 457 -24.10 -8.43 30.41
CA PHE A 457 -23.27 -8.55 29.20
C PHE A 457 -22.05 -7.66 29.31
N SER A 458 -20.93 -8.16 28.81
CA SER A 458 -19.71 -7.40 28.67
C SER A 458 -19.09 -7.70 27.32
N ASN A 459 -18.25 -6.78 26.84
CA ASN A 459 -17.71 -6.90 25.50
C ASN A 459 -16.48 -6.01 25.38
N ASP A 460 -15.79 -6.14 24.25
CA ASP A 460 -14.66 -5.26 23.95
C ASP A 460 -15.07 -3.80 23.87
N GLU A 461 -16.20 -3.49 23.23
CA GLU A 461 -16.60 -2.13 22.92
C GLU A 461 -17.41 -1.48 24.04
N TYR A 462 -18.37 -2.21 24.62
CA TYR A 462 -19.17 -1.70 25.71
C TYR A 462 -19.69 -2.87 26.54
N ALA A 463 -20.17 -2.56 27.74
CA ALA A 463 -20.60 -3.57 28.70
C ALA A 463 -21.84 -3.11 29.45
N ILE A 464 -22.87 -3.95 29.49
CA ILE A 464 -24.15 -3.63 30.12
C ILE A 464 -24.22 -4.31 31.48
N TYR A 465 -24.57 -3.55 32.51
CA TYR A 465 -24.88 -4.12 33.82
C TYR A 465 -26.28 -3.72 34.24
N LEU A 466 -27.05 -4.70 34.69
CA LEU A 466 -28.35 -4.49 35.31
C LEU A 466 -28.13 -4.39 36.83
N ARG A 467 -29.14 -3.92 37.54
CA ARG A 467 -29.07 -3.73 38.99
C ARG A 467 -30.44 -4.01 39.60
N PHE A 468 -30.46 -4.39 40.87
CA PHE A 468 -31.68 -4.45 41.66
C PHE A 468 -31.30 -4.48 43.13
N SER A 469 -32.29 -4.75 43.97
CA SER A 469 -32.10 -4.83 45.41
C SER A 469 -32.92 -6.00 45.97
N TYR A 470 -32.59 -6.39 47.20
CA TYR A 470 -33.20 -7.54 47.84
C TYR A 470 -33.85 -7.10 49.13
N ARG A 471 -34.98 -7.70 49.47
CA ARG A 471 -35.67 -7.39 50.72
C ARG A 471 -36.23 -8.67 51.32
N GLN A 472 -35.91 -8.89 52.59
CA GLN A 472 -36.26 -10.15 53.25
C GLN A 472 -36.69 -9.88 54.69
N ALA A 473 -37.80 -10.51 55.06
CA ALA A 473 -38.34 -10.62 56.41
C ALA A 473 -39.46 -11.64 56.37
N PRO A 474 -39.52 -12.57 57.32
CA PRO A 474 -40.52 -13.64 57.24
C PRO A 474 -41.90 -13.23 57.73
N VAL A 475 -42.91 -13.96 57.24
CA VAL A 475 -44.28 -13.86 57.71
C VAL A 475 -44.53 -15.02 58.66
N GLN A 476 -45.49 -14.85 59.56
CA GLN A 476 -45.73 -15.86 60.59
C GLN A 476 -46.70 -16.92 60.11
N SER A 477 -46.22 -18.16 60.04
CA SER A 477 -47.00 -19.30 59.57
C SER A 477 -46.42 -20.56 60.18
N GLU A 478 -47.19 -21.64 60.18
CA GLU A 478 -46.83 -22.84 60.92
C GLU A 478 -45.78 -23.66 60.18
N THR A 479 -45.00 -24.41 60.94
CA THR A 479 -43.86 -25.13 60.42
C THR A 479 -44.26 -26.18 59.39
N VAL A 480 -43.27 -26.65 58.63
CA VAL A 480 -43.46 -27.66 57.59
C VAL A 480 -42.53 -28.84 57.88
N TYR A 481 -43.08 -30.04 57.87
CA TYR A 481 -42.29 -31.26 58.02
C TYR A 481 -42.34 -32.07 56.73
N LEU A 482 -41.20 -32.60 56.32
CA LEU A 482 -41.08 -33.43 55.14
C LEU A 482 -40.67 -34.84 55.56
N GLN A 483 -41.29 -35.85 54.94
CA GLN A 483 -41.15 -37.24 55.34
C GLN A 483 -40.21 -37.97 54.39
N GLN A 484 -39.19 -38.59 54.97
CA GLN A 484 -38.30 -39.45 54.20
C GLN A 484 -38.69 -40.91 54.37
N ASN A 485 -38.92 -41.59 53.25
CA ASN A 485 -39.20 -43.02 53.33
C ASN A 485 -37.94 -43.82 53.62
N LEU A 486 -36.78 -43.31 53.18
CA LEU A 486 -35.48 -43.90 53.49
C LEU A 486 -34.50 -42.78 53.86
N PRO A 487 -34.55 -42.27 55.08
CA PRO A 487 -33.66 -41.15 55.45
C PRO A 487 -32.21 -41.59 55.62
N SER A 488 -31.31 -40.62 55.44
CA SER A 488 -29.89 -40.91 55.43
C SER A 488 -29.34 -41.08 56.84
N MET A 489 -28.01 -41.13 56.93
CA MET A 489 -27.32 -41.31 58.21
C MET A 489 -27.61 -40.18 59.17
N ARG A 490 -28.38 -40.46 60.22
CA ARG A 490 -28.77 -39.43 61.16
C ARG A 490 -27.62 -39.11 62.12
N ILE A 491 -27.76 -37.98 62.80
CA ILE A 491 -26.79 -37.59 63.82
C ILE A 491 -26.98 -38.39 65.09
N VAL A 492 -28.13 -39.04 65.23
CA VAL A 492 -28.40 -39.98 66.31
C VAL A 492 -28.45 -41.37 65.68
N SER A 493 -27.32 -42.07 65.77
CA SER A 493 -27.18 -43.43 65.23
C SER A 493 -26.10 -44.15 66.02
N PRO A 494 -26.49 -44.96 66.99
CA PRO A 494 -25.52 -45.67 67.83
C PRO A 494 -25.23 -47.09 67.35
N SER A 495 -24.30 -47.73 68.08
CA SER A 495 -24.18 -49.18 68.03
C SER A 495 -24.83 -49.83 69.25
N SER A 496 -24.48 -49.34 70.44
CA SER A 496 -25.05 -49.80 71.70
C SER A 496 -25.34 -48.59 72.57
N VAL A 497 -26.45 -48.65 73.31
CA VAL A 497 -27.01 -47.48 73.95
C VAL A 497 -26.89 -47.55 75.46
N SER A 498 -27.23 -48.69 76.06
CA SER A 498 -27.22 -48.82 77.50
C SER A 498 -27.22 -50.28 77.89
N THR A 499 -26.88 -50.53 79.15
CA THR A 499 -26.88 -51.88 79.71
C THR A 499 -27.78 -51.92 80.93
N THR A 500 -28.24 -53.13 81.26
CA THR A 500 -28.99 -53.38 82.49
C THR A 500 -28.05 -53.91 83.56
N VAL A 501 -28.14 -53.36 84.76
CA VAL A 501 -27.24 -53.72 85.85
C VAL A 501 -28.01 -54.20 87.09
N SER A 502 -28.97 -53.41 87.58
CA SER A 502 -29.74 -53.80 88.75
C SER A 502 -31.18 -53.31 88.60
N THR A 503 -32.11 -54.12 89.11
CA THR A 503 -33.53 -53.80 89.07
C THR A 503 -34.05 -53.66 90.50
N ALA A 504 -35.09 -52.84 90.67
CA ALA A 504 -35.67 -52.59 91.98
C ALA A 504 -37.12 -53.07 92.02
N VAL A 505 -37.55 -53.50 93.20
CA VAL A 505 -38.94 -53.89 93.40
C VAL A 505 -39.85 -52.67 93.48
N ILE A 506 -39.43 -51.64 94.21
CA ILE A 506 -40.24 -50.45 94.44
C ILE A 506 -39.82 -49.28 93.55
N GLY A 507 -38.53 -48.94 93.56
CA GLY A 507 -38.10 -47.75 92.82
C GLY A 507 -38.29 -47.89 91.33
N GLY A 508 -37.91 -49.04 90.76
CA GLY A 508 -37.97 -49.23 89.33
C GLY A 508 -36.60 -49.51 88.75
N ASN A 509 -36.54 -49.71 87.44
CA ASN A 509 -35.31 -50.15 86.78
C ASN A 509 -34.36 -48.96 86.68
N THR A 510 -33.20 -49.08 87.31
CA THR A 510 -32.20 -48.02 87.24
C THR A 510 -31.43 -48.13 85.94
N ILE A 511 -31.35 -47.02 85.21
CA ILE A 511 -30.76 -46.98 83.87
C ILE A 511 -29.45 -46.22 83.93
N HIS A 512 -28.58 -46.47 82.95
CA HIS A 512 -27.27 -45.86 82.84
C HIS A 512 -27.08 -45.44 81.39
N ILE A 513 -27.50 -44.23 81.06
CA ILE A 513 -27.62 -43.79 79.67
C ILE A 513 -26.22 -43.61 79.09
N ASN A 514 -26.05 -43.99 77.83
CA ASN A 514 -24.78 -43.88 77.12
C ASN A 514 -25.14 -43.51 75.67
N CYS A 515 -24.61 -42.40 75.20
CA CYS A 515 -24.99 -41.86 73.89
C CYS A 515 -23.80 -41.81 72.94
N PRO A 516 -23.26 -42.95 72.51
CA PRO A 516 -22.28 -42.93 71.43
C PRO A 516 -22.97 -43.01 70.07
N ILE A 517 -22.32 -42.40 69.08
CA ILE A 517 -22.90 -42.28 67.75
C ILE A 517 -21.92 -42.77 66.71
N ARG A 518 -22.47 -43.16 65.55
CA ARG A 518 -21.66 -43.40 64.38
C ARG A 518 -21.20 -42.05 63.80
N PRO A 519 -20.09 -42.03 63.05
CA PRO A 519 -19.20 -43.16 62.74
C PRO A 519 -18.29 -43.48 63.91
N HIS A 520 -17.96 -44.75 64.07
CA HIS A 520 -17.10 -45.17 65.16
C HIS A 520 -15.73 -45.58 64.62
N ARG A 521 -14.90 -46.14 65.52
CA ARG A 521 -13.51 -46.41 65.20
C ARG A 521 -13.39 -47.28 63.95
N GLU A 522 -14.36 -48.15 63.71
CA GLU A 522 -14.37 -49.07 62.58
C GLU A 522 -15.39 -48.59 61.55
N ASP A 523 -14.95 -47.67 60.68
CA ASP A 523 -15.84 -47.09 59.68
C ASP A 523 -15.02 -46.30 58.67
N ARG A 524 -15.66 -46.01 57.54
CA ARG A 524 -15.12 -45.10 56.52
C ARG A 524 -16.18 -44.06 56.19
N LEU A 525 -15.72 -42.94 55.63
CA LEU A 525 -16.58 -41.87 55.13
C LEU A 525 -17.48 -41.34 56.25
N VAL A 526 -16.82 -40.71 57.23
CA VAL A 526 -17.48 -40.03 58.34
C VAL A 526 -18.52 -39.06 57.76
N SER A 527 -19.66 -38.94 58.44
CA SER A 527 -20.79 -38.20 57.89
C SER A 527 -21.60 -37.58 59.02
N GLY A 528 -22.70 -36.94 58.65
CA GLY A 528 -23.63 -36.35 59.59
C GLY A 528 -24.50 -35.31 58.93
N GLY A 529 -25.75 -35.24 59.38
CA GLY A 529 -26.69 -34.30 58.80
C GLY A 529 -27.90 -34.13 59.70
N VAL A 530 -28.56 -32.98 59.56
CA VAL A 530 -29.68 -32.60 60.40
C VAL A 530 -30.79 -32.01 59.52
N GLN A 531 -32.03 -32.43 59.79
CA GLN A 531 -33.20 -32.03 59.00
C GLN A 531 -33.58 -30.58 59.29
N VAL A 532 -33.92 -29.84 58.23
CA VAL A 532 -34.13 -28.40 58.33
C VAL A 532 -35.56 -28.01 57.98
N PRO A 533 -36.31 -27.39 58.89
CA PRO A 533 -37.71 -27.05 58.60
C PRO A 533 -37.85 -25.86 57.66
N ARG A 534 -39.09 -25.62 57.24
CA ARG A 534 -39.41 -24.70 56.17
C ARG A 534 -40.52 -23.74 56.57
N GLN A 535 -40.42 -22.51 56.06
CA GLN A 535 -41.51 -21.54 56.10
C GLN A 535 -41.30 -20.58 54.93
N SER A 536 -42.30 -19.76 54.64
CA SER A 536 -42.30 -18.85 53.49
C SER A 536 -42.15 -17.42 53.95
N THR A 537 -41.26 -16.69 53.30
CA THR A 537 -40.99 -15.30 53.62
C THR A 537 -41.59 -14.39 52.55
N ALA A 538 -41.50 -13.08 52.77
CA ALA A 538 -42.01 -12.07 51.86
C ALA A 538 -40.84 -11.51 51.05
N VAL A 539 -40.74 -11.93 49.79
CA VAL A 539 -39.64 -11.53 48.91
C VAL A 539 -40.02 -10.24 48.19
N GLU A 540 -39.05 -9.34 48.06
CA GLU A 540 -39.29 -8.06 47.39
C GLU A 540 -38.05 -7.70 46.57
N ILE A 541 -38.02 -8.13 45.31
CA ILE A 541 -36.87 -7.90 44.43
C ILE A 541 -37.19 -6.72 43.53
N ARG A 542 -36.50 -5.61 43.77
CA ARG A 542 -36.93 -4.30 43.26
C ARG A 542 -35.88 -3.78 42.28
N VAL A 543 -36.31 -3.48 41.06
CA VAL A 543 -35.44 -2.91 40.03
C VAL A 543 -35.81 -1.45 39.84
N GLN A 544 -34.81 -0.60 39.63
CA GLN A 544 -35.04 0.79 39.27
C GLN A 544 -34.21 1.27 38.08
N GLU A 545 -33.14 0.57 37.71
CA GLU A 545 -32.26 1.08 36.66
C GLU A 545 -31.43 -0.04 36.05
N ILE A 546 -30.88 0.25 34.87
CA ILE A 546 -29.82 -0.53 34.24
C ILE A 546 -28.77 0.48 33.78
N LEU A 547 -27.53 0.03 33.63
CA LEU A 547 -26.43 0.91 33.23
C LEU A 547 -25.45 0.18 32.34
N ILE A 548 -25.15 0.77 31.18
CA ILE A 548 -24.11 0.30 30.28
C ILE A 548 -22.91 1.23 30.37
N GLY A 549 -21.73 0.64 30.55
CA GLY A 549 -20.50 1.39 30.55
C GLY A 549 -19.81 1.29 29.21
N TYR A 550 -19.10 2.36 28.87
CA TYR A 550 -18.30 2.40 27.64
C TYR A 550 -16.82 2.46 28.01
N ARG A 551 -16.00 1.79 27.20
CA ARG A 551 -14.58 1.68 27.53
C ARG A 551 -13.85 3.00 27.32
N GLN A 552 -14.08 3.64 26.17
CA GLN A 552 -13.34 4.84 25.80
C GLN A 552 -14.11 6.12 26.08
N ALA A 553 -15.29 6.02 26.69
CA ALA A 553 -16.04 7.20 27.05
C ALA A 553 -15.41 7.85 28.28
N THR A 554 -15.09 9.14 28.17
CA THR A 554 -14.47 9.88 29.25
C THR A 554 -15.44 10.80 29.96
N THR A 555 -16.64 11.01 29.40
CA THR A 555 -17.64 11.89 29.98
C THR A 555 -18.99 11.52 29.41
N PHE A 556 -19.97 12.37 29.69
CA PHE A 556 -21.36 12.03 29.41
C PHE A 556 -21.63 11.99 27.91
N PRO A 557 -22.09 10.86 27.37
CA PRO A 557 -22.60 10.85 26.00
C PRO A 557 -23.85 11.71 25.87
N ILE A 558 -24.08 12.23 24.66
CA ILE A 558 -25.18 13.12 24.36
C ILE A 558 -25.93 12.58 23.15
N ASP A 559 -27.21 12.97 23.03
CA ASP A 559 -28.11 12.44 22.01
C ASP A 559 -28.28 10.93 22.16
N THR A 560 -28.73 10.52 23.35
CA THR A 560 -29.01 9.12 23.62
C THR A 560 -30.36 8.74 23.03
N GLU A 561 -30.41 7.58 22.37
CA GLU A 561 -31.64 7.06 21.78
C GLU A 561 -31.60 5.54 21.81
N GLY A 562 -32.77 4.94 21.69
CA GLY A 562 -32.90 3.50 21.77
C GLY A 562 -34.21 3.14 22.46
N ARG A 563 -34.67 1.93 22.19
CA ARG A 563 -35.97 1.49 22.67
C ARG A 563 -35.85 0.10 23.32
N LEU A 564 -36.41 -0.03 24.51
CA LEU A 564 -36.26 -1.24 25.32
C LEU A 564 -37.60 -1.74 25.86
N SER A 565 -37.71 -3.05 25.99
CA SER A 565 -38.79 -3.70 26.73
C SER A 565 -38.18 -4.78 27.60
N LEU A 566 -38.62 -4.86 28.85
CA LEU A 566 -38.03 -5.76 29.84
C LEU A 566 -39.11 -6.64 30.44
N GLU A 567 -38.81 -7.93 30.55
CA GLU A 567 -39.74 -8.92 31.07
C GLU A 567 -38.93 -9.89 31.93
N LEU A 568 -39.46 -10.21 33.11
CA LEU A 568 -38.75 -11.03 34.08
C LEU A 568 -39.37 -12.42 34.19
N MET A 569 -38.66 -13.31 34.89
CA MET A 569 -39.23 -14.57 35.33
C MET A 569 -38.40 -15.12 36.49
N TYR A 570 -39.05 -15.30 37.64
CA TYR A 570 -38.45 -15.92 38.80
C TYR A 570 -39.57 -16.40 39.70
N GLY A 571 -39.39 -17.55 40.35
CA GLY A 571 -40.41 -18.06 41.24
C GLY A 571 -41.66 -18.42 40.47
N LEU A 572 -42.72 -17.63 40.64
CA LEU A 572 -43.92 -17.78 39.85
C LEU A 572 -44.44 -16.48 39.27
N GLU A 573 -44.15 -15.33 39.88
CA GLU A 573 -44.60 -14.04 39.39
C GLU A 573 -43.45 -13.25 38.75
N SER A 574 -43.79 -12.15 38.10
CA SER A 574 -42.81 -11.45 37.29
C SER A 574 -43.25 -10.01 37.02
N ARG A 575 -42.41 -9.29 36.28
CA ARG A 575 -42.70 -7.94 35.81
C ARG A 575 -42.41 -7.83 34.32
N SER A 576 -43.34 -7.17 33.63
CA SER A 576 -43.12 -6.66 32.29
C SER A 576 -43.05 -5.14 32.39
N ALA A 577 -41.98 -4.57 31.85
CA ALA A 577 -41.77 -3.14 31.97
C ALA A 577 -41.43 -2.56 30.60
N VAL A 578 -41.91 -1.33 30.37
CA VAL A 578 -41.67 -0.61 29.13
C VAL A 578 -40.88 0.64 29.46
N GLY A 579 -39.63 0.69 28.99
CA GLY A 579 -38.80 1.88 29.11
C GLY A 579 -38.28 2.27 27.74
N ASN A 580 -38.47 3.53 27.39
CA ASN A 580 -38.10 4.01 26.07
C ASN A 580 -37.08 5.14 26.13
N THR A 581 -37.17 6.02 27.12
CA THR A 581 -36.27 7.16 27.24
C THR A 581 -34.90 6.69 27.70
N MET A 582 -33.85 7.27 27.11
CA MET A 582 -32.48 6.96 27.51
C MET A 582 -31.72 8.23 27.87
N SER A 583 -30.94 8.14 28.93
CA SER A 583 -30.23 9.28 29.46
C SER A 583 -28.82 8.91 29.88
N PRO A 584 -27.87 9.84 29.74
CA PRO A 584 -26.48 9.54 30.11
C PRO A 584 -26.30 9.50 31.63
N VAL A 585 -25.26 8.81 32.08
CA VAL A 585 -25.05 8.54 33.50
C VAL A 585 -23.57 8.26 33.77
N ARG A 586 -23.17 8.53 35.02
CA ARG A 586 -21.83 8.23 35.52
C ARG A 586 -21.94 7.27 36.70
N PHE A 587 -21.05 6.29 36.74
CA PHE A 587 -20.96 5.34 37.85
C PHE A 587 -19.55 4.78 37.90
N VAL A 588 -19.31 3.89 38.85
CA VAL A 588 -17.99 3.29 39.07
C VAL A 588 -18.18 1.79 39.32
N THR A 589 -17.27 0.99 38.75
CA THR A 589 -17.17 -0.42 39.10
C THR A 589 -15.86 -0.72 39.84
N VAL A 590 -15.79 -1.91 40.45
CA VAL A 590 -14.66 -2.29 41.28
C VAL A 590 -13.56 -3.02 40.52
N ASN A 591 -13.71 -3.22 39.22
CA ASN A 591 -12.77 -4.04 38.48
C ASN A 591 -11.96 -3.21 37.50
N ASP A 592 -12.60 -2.19 36.90
CA ASP A 592 -11.93 -1.29 35.98
C ASP A 592 -12.02 0.17 36.38
N GLY A 593 -12.88 0.52 37.33
CA GLY A 593 -12.98 1.87 37.84
C GLY A 593 -14.29 2.55 37.48
N GLU A 594 -14.18 3.80 37.07
CA GLU A 594 -15.36 4.57 36.71
C GLU A 594 -15.77 4.29 35.28
N PHE A 595 -17.07 4.31 35.03
CA PHE A 595 -17.63 4.00 33.73
C PHE A 595 -18.73 4.98 33.37
N PHE A 596 -18.83 5.26 32.07
CA PHE A 596 -19.73 6.27 31.51
C PHE A 596 -20.60 5.61 30.47
N GLY A 597 -21.89 5.94 30.49
CA GLY A 597 -22.79 5.43 29.47
C GLY A 597 -24.18 5.95 29.69
N LEU A 598 -25.13 5.30 29.03
CA LEU A 598 -26.54 5.66 29.11
C LEU A 598 -27.32 4.60 29.87
N THR A 599 -28.32 5.06 30.62
CA THR A 599 -29.12 4.23 31.52
C THR A 599 -30.58 4.26 31.11
N CYS A 600 -31.36 3.31 31.65
CA CYS A 600 -32.78 3.18 31.32
C CYS A 600 -33.63 3.18 32.58
N PRO A 601 -34.64 4.05 32.65
CA PRO A 601 -35.55 4.04 33.81
C PRO A 601 -36.57 2.91 33.71
N ILE A 602 -36.35 1.86 34.51
CA ILE A 602 -37.25 0.72 34.60
C ILE A 602 -37.51 0.46 36.08
N ASP A 603 -38.70 0.83 36.55
CA ASP A 603 -39.03 0.81 37.97
C ASP A 603 -40.11 -0.24 38.20
N LEU A 604 -39.87 -1.14 39.16
CA LEU A 604 -40.74 -2.29 39.40
C LEU A 604 -40.47 -2.88 40.78
N THR A 605 -41.32 -3.85 41.16
CA THR A 605 -41.25 -4.53 42.45
C THR A 605 -41.81 -5.94 42.32
N LEU A 606 -41.18 -6.89 43.00
CA LEU A 606 -41.44 -8.32 42.84
C LEU A 606 -41.97 -8.91 44.15
N SER A 607 -43.08 -9.66 44.07
CA SER A 607 -43.71 -10.24 45.25
C SER A 607 -44.31 -11.59 44.89
N THR A 608 -43.77 -12.66 45.48
CA THR A 608 -44.12 -14.03 45.09
C THR A 608 -44.87 -14.80 46.18
N VAL A 609 -45.32 -14.11 47.23
CA VAL A 609 -46.09 -14.78 48.27
C VAL A 609 -47.51 -15.05 47.79
N VAL A 610 -47.88 -14.47 46.64
CA VAL A 610 -49.25 -14.61 46.14
C VAL A 610 -49.54 -16.04 45.71
N ASP A 611 -48.60 -16.67 45.01
CA ASP A 611 -48.71 -18.07 44.61
C ASP A 611 -47.31 -18.67 44.52
N PRO A 612 -46.69 -18.98 45.66
CA PRO A 612 -45.38 -19.64 45.62
C PRO A 612 -45.48 -21.16 45.73
N SER A 613 -46.69 -21.64 46.00
CA SER A 613 -46.91 -23.00 46.47
C SER A 613 -47.12 -23.94 45.28
N SER A 614 -46.01 -24.30 44.63
CA SER A 614 -46.01 -25.43 43.72
C SER A 614 -44.74 -26.28 43.89
N TYR A 615 -43.80 -25.86 44.74
CA TYR A 615 -42.63 -26.63 45.10
C TYR A 615 -42.88 -27.52 46.32
N LEU A 616 -44.15 -27.70 46.71
CA LEU A 616 -44.44 -28.52 47.88
C LEU A 616 -44.00 -29.96 47.68
N SER A 617 -44.03 -30.45 46.45
CA SER A 617 -43.76 -31.86 46.18
C SER A 617 -42.35 -32.25 46.58
N ASP A 618 -41.37 -31.40 46.28
CA ASP A 618 -39.98 -31.66 46.59
C ASP A 618 -39.59 -30.91 47.86
N GLY A 619 -38.31 -30.96 48.23
CA GLY A 619 -37.78 -30.04 49.21
C GLY A 619 -37.14 -30.61 50.46
N VAL A 620 -36.91 -31.91 50.51
CA VAL A 620 -36.21 -32.49 51.66
C VAL A 620 -34.74 -32.13 51.55
N ILE A 621 -34.22 -31.44 52.56
CA ILE A 621 -32.91 -30.80 52.49
C ILE A 621 -32.08 -31.27 53.69
N LEU A 622 -30.97 -31.93 53.41
CA LEU A 622 -30.03 -32.37 54.42
C LEU A 622 -28.75 -31.54 54.33
N VAL A 623 -28.19 -31.22 55.49
CA VAL A 623 -27.08 -30.27 55.58
C VAL A 623 -25.81 -31.06 55.92
N ALA A 624 -24.79 -30.93 55.08
CA ALA A 624 -23.57 -31.72 55.21
C ALA A 624 -22.75 -31.23 56.40
N THR A 625 -22.61 -32.08 57.42
CA THR A 625 -21.83 -31.80 58.62
C THR A 625 -21.05 -33.06 58.97
N ALA A 626 -19.73 -33.05 58.72
CA ALA A 626 -18.89 -34.21 59.01
C ALA A 626 -17.71 -33.77 59.87
N PHE A 627 -17.39 -34.58 60.88
CA PHE A 627 -16.22 -34.40 61.74
C PHE A 627 -15.83 -35.74 62.34
N GLU A 628 -14.55 -35.89 62.69
CA GLU A 628 -14.12 -37.12 63.36
C GLU A 628 -13.86 -36.91 64.85
N ASP A 629 -14.06 -35.68 65.35
CA ASP A 629 -13.73 -35.36 66.74
C ASP A 629 -14.63 -36.04 67.77
N LEU A 630 -15.92 -36.17 67.50
CA LEU A 630 -16.88 -36.70 68.47
C LEU A 630 -16.94 -38.22 68.51
N ARG A 631 -15.91 -38.91 68.01
CA ARG A 631 -15.96 -40.36 67.88
C ARG A 631 -16.02 -41.02 69.25
N GLY A 632 -17.18 -41.58 69.58
CA GLY A 632 -17.35 -42.36 70.78
C GLY A 632 -17.63 -41.59 72.05
N TYR A 633 -17.75 -40.26 71.98
CA TYR A 633 -17.96 -39.47 73.18
C TYR A 633 -19.44 -39.41 73.54
N ALA A 634 -19.73 -39.14 74.80
CA ALA A 634 -21.11 -39.13 75.29
C ALA A 634 -21.17 -38.49 76.67
N TRP A 635 -22.34 -38.59 77.29
CA TRP A 635 -22.55 -38.13 78.66
C TRP A 635 -22.53 -39.33 79.60
N VAL A 636 -21.90 -39.18 80.76
CA VAL A 636 -21.83 -40.24 81.76
C VAL A 636 -22.58 -39.78 83.00
N ALA A 637 -23.61 -40.53 83.40
CA ALA A 637 -24.29 -40.36 84.68
C ALA A 637 -25.26 -41.51 84.88
N THR A 638 -25.50 -41.84 86.15
CA THR A 638 -26.50 -42.83 86.53
C THR A 638 -27.43 -42.22 87.57
N LEU A 639 -28.74 -42.33 87.31
CA LEU A 639 -29.75 -41.70 88.14
C LEU A 639 -30.96 -42.64 88.23
N GLY A 640 -31.51 -42.78 89.42
CA GLY A 640 -32.53 -43.78 89.67
C GLY A 640 -32.92 -43.92 91.12
N GLY A 641 -32.85 -45.15 91.64
CA GLY A 641 -33.26 -45.45 93.00
C GLY A 641 -32.65 -44.57 94.08
N ASP A 642 -31.32 -44.62 94.24
CA ASP A 642 -30.67 -43.85 95.29
C ASP A 642 -30.08 -42.54 94.78
N TRP A 643 -30.02 -42.33 93.47
CA TRP A 643 -29.53 -41.05 92.98
C TRP A 643 -30.70 -40.15 92.61
N PRO A 644 -30.56 -38.84 92.78
CA PRO A 644 -31.66 -37.93 92.46
C PRO A 644 -32.00 -37.97 90.97
N ARG A 645 -33.09 -37.29 90.63
CA ARG A 645 -33.69 -37.39 89.31
C ARG A 645 -33.14 -36.36 88.33
N THR A 646 -32.15 -35.57 88.74
CA THR A 646 -31.66 -34.44 87.96
C THR A 646 -30.16 -34.54 87.75
N TYR A 647 -29.74 -34.15 86.55
CA TYR A 647 -28.34 -33.97 86.20
C TYR A 647 -28.22 -32.66 85.44
N ASN A 648 -27.06 -32.01 85.53
CA ASN A 648 -26.87 -30.70 84.91
C ASN A 648 -25.41 -30.59 84.50
N SER A 649 -25.13 -30.81 83.21
CA SER A 649 -23.81 -30.69 82.62
C SER A 649 -23.97 -30.81 81.11
N SER A 650 -22.90 -30.51 80.38
CA SER A 650 -23.00 -30.42 78.92
C SER A 650 -21.66 -30.71 78.27
N MET A 651 -21.71 -31.39 77.11
CA MET A 651 -20.51 -31.55 76.31
C MET A 651 -20.49 -30.52 75.18
N ARG A 652 -19.39 -29.78 75.09
CA ARG A 652 -19.35 -28.56 74.27
C ARG A 652 -18.42 -28.66 73.06
N ALA A 653 -17.74 -29.81 72.88
CA ALA A 653 -17.12 -30.06 71.58
C ALA A 653 -18.16 -30.06 70.47
N PHE A 654 -19.40 -30.43 70.80
CA PHE A 654 -20.50 -30.27 69.86
C PHE A 654 -20.62 -28.82 69.42
N ASN A 655 -20.58 -27.89 70.39
CA ASN A 655 -20.70 -26.47 70.08
C ASN A 655 -19.50 -25.97 69.29
N VAL A 656 -18.31 -26.46 69.63
CA VAL A 656 -17.11 -26.08 68.88
C VAL A 656 -17.23 -26.51 67.42
N LEU A 657 -17.57 -27.78 67.19
CA LEU A 657 -17.60 -28.31 65.84
C LEU A 657 -18.76 -27.73 65.04
N THR A 658 -19.95 -27.70 65.63
CA THR A 658 -21.14 -27.12 65.03
C THR A 658 -21.74 -26.09 65.99
N GLY A 659 -21.99 -24.89 65.48
CA GLY A 659 -22.29 -23.75 66.33
C GLY A 659 -23.64 -23.78 67.03
N GLY A 660 -23.85 -24.79 67.87
CA GLY A 660 -25.05 -24.86 68.68
C GLY A 660 -24.87 -25.70 69.93
N ASP A 661 -25.92 -26.40 70.37
CA ASP A 661 -25.85 -27.24 71.56
C ASP A 661 -26.51 -28.58 71.26
N ILE A 662 -26.16 -29.56 72.08
CA ILE A 662 -26.81 -30.87 72.08
C ILE A 662 -27.45 -31.06 73.44
N ASN A 663 -28.70 -31.52 73.44
CA ASN A 663 -29.45 -31.73 74.68
C ASN A 663 -29.76 -33.21 74.85
N LEU A 664 -29.48 -33.72 76.04
CA LEU A 664 -29.94 -35.04 76.45
C LEU A 664 -30.15 -35.03 77.97
N SER A 665 -31.40 -35.13 78.39
CA SER A 665 -31.79 -35.04 79.79
C SER A 665 -33.08 -35.80 80.03
N THR A 666 -33.17 -36.47 81.18
CA THR A 666 -34.32 -37.30 81.52
C THR A 666 -34.77 -37.00 82.95
N GLU A 667 -36.06 -37.23 83.20
CA GLU A 667 -36.67 -37.05 84.50
C GLU A 667 -37.52 -38.27 84.79
N TYR A 668 -37.84 -38.50 86.07
CA TYR A 668 -38.88 -39.47 86.41
C TYR A 668 -40.17 -38.74 86.71
N GLY A 669 -41.26 -39.16 86.05
CA GLY A 669 -42.52 -38.47 86.15
C GLY A 669 -43.62 -39.26 85.49
N SER A 670 -44.67 -38.55 85.08
CA SER A 670 -45.84 -39.19 84.48
C SER A 670 -45.47 -39.92 83.20
N GLU A 671 -44.66 -39.30 82.35
CA GLU A 671 -44.24 -39.85 81.07
C GLU A 671 -42.84 -39.33 80.78
N MET A 672 -42.08 -40.08 79.98
CA MET A 672 -40.69 -39.78 79.70
C MET A 672 -40.58 -39.15 78.32
N THR A 673 -39.59 -38.28 78.15
CA THR A 673 -39.22 -37.78 76.82
C THR A 673 -37.73 -37.99 76.60
N TYR A 674 -37.39 -38.57 75.45
CA TYR A 674 -36.01 -38.75 75.02
C TYR A 674 -35.60 -37.45 74.33
N THR A 675 -35.24 -36.44 75.12
CA THR A 675 -34.92 -35.12 74.61
C THR A 675 -33.59 -35.19 73.85
N PHE A 676 -33.66 -35.07 72.54
CA PHE A 676 -32.48 -34.97 71.69
C PHE A 676 -32.67 -33.72 70.84
N LYS A 677 -31.87 -32.70 71.14
CA LYS A 677 -31.99 -31.39 70.51
C LYS A 677 -30.68 -31.04 69.82
N VAL A 678 -30.77 -30.70 68.54
CA VAL A 678 -29.63 -30.22 67.76
C VAL A 678 -29.83 -28.74 67.49
N GLU A 679 -28.78 -27.95 67.72
CA GLU A 679 -28.87 -26.50 67.57
C GLU A 679 -27.83 -26.09 66.52
N LEU A 680 -28.27 -25.28 65.55
CA LEU A 680 -27.41 -24.92 64.43
C LEU A 680 -27.38 -23.41 64.21
N PRO A 681 -26.31 -22.88 63.61
CA PRO A 681 -26.32 -21.50 63.13
C PRO A 681 -26.74 -21.41 61.66
N ILE A 682 -27.28 -20.24 61.30
CA ILE A 682 -27.76 -20.02 59.94
C ILE A 682 -26.60 -20.02 58.95
N VAL A 683 -25.53 -19.29 59.26
CA VAL A 683 -24.46 -19.07 58.30
C VAL A 683 -23.71 -20.37 58.03
N TYR A 684 -23.38 -21.11 59.09
CA TYR A 684 -22.77 -22.43 58.91
C TYR A 684 -23.73 -23.38 58.19
N MET A 685 -25.03 -23.23 58.43
CA MET A 685 -26.00 -24.07 57.76
C MET A 685 -25.96 -23.86 56.25
N PHE A 686 -26.06 -22.60 55.82
CA PHE A 686 -25.93 -22.27 54.41
C PHE A 686 -24.55 -22.57 53.85
N ASN A 687 -23.53 -22.66 54.70
CA ASN A 687 -22.20 -23.03 54.22
C ASN A 687 -22.17 -24.40 53.55
N ASN A 688 -23.09 -25.30 53.89
CA ASN A 688 -23.24 -26.58 53.19
C ASN A 688 -24.73 -26.91 53.13
N MET A 689 -25.38 -26.48 52.04
CA MET A 689 -26.80 -26.75 51.86
C MET A 689 -26.96 -27.54 50.57
N THR A 690 -27.90 -28.47 50.59
CA THR A 690 -28.06 -29.41 49.49
C THR A 690 -29.55 -29.50 49.12
N VAL A 691 -29.82 -29.87 47.89
CA VAL A 691 -31.17 -29.82 47.31
C VAL A 691 -31.63 -31.19 46.84
N ILE A 692 -31.30 -32.24 47.59
CA ILE A 692 -31.64 -33.62 47.22
C ILE A 692 -33.16 -33.76 47.11
N SER A 693 -33.59 -34.92 46.58
CA SER A 693 -34.94 -35.12 46.03
C SER A 693 -35.15 -34.27 44.78
N ASN A 694 -34.38 -34.57 43.74
CA ASN A 694 -34.62 -34.11 42.38
C ASN A 694 -35.54 -35.06 41.60
N ASN A 695 -36.41 -35.80 42.30
CA ASN A 695 -37.16 -36.88 41.66
C ASN A 695 -38.30 -36.35 40.80
N VAL A 696 -38.84 -35.18 41.11
CA VAL A 696 -39.93 -34.58 40.34
C VAL A 696 -39.50 -33.17 39.95
N PRO A 697 -38.71 -33.02 38.88
CA PRO A 697 -37.96 -31.77 38.68
C PRO A 697 -38.78 -30.69 37.98
N ARG A 698 -38.53 -29.44 38.36
CA ARG A 698 -39.27 -28.30 37.84
C ARG A 698 -38.65 -27.83 36.53
N VAL A 699 -39.39 -26.99 35.80
CA VAL A 699 -39.01 -26.57 34.46
C VAL A 699 -39.19 -25.06 34.36
N PRO A 700 -38.52 -24.40 33.41
CA PRO A 700 -38.56 -22.93 33.34
C PRO A 700 -39.98 -22.42 33.12
N VAL A 701 -40.20 -21.17 33.55
CA VAL A 701 -41.55 -20.60 33.53
C VAL A 701 -42.10 -20.53 32.11
N LEU A 702 -41.22 -20.45 31.12
CA LEU A 702 -41.63 -20.44 29.72
C LEU A 702 -40.86 -21.48 28.90
N GLY A 703 -40.41 -22.54 29.57
CA GLY A 703 -39.85 -23.70 28.88
C GLY A 703 -38.61 -23.41 28.07
N VAL A 704 -37.66 -22.68 28.64
CA VAL A 704 -36.48 -22.20 27.93
C VAL A 704 -35.34 -23.18 28.16
N THR A 705 -34.36 -23.18 27.24
CA THR A 705 -33.18 -24.01 27.41
C THR A 705 -32.43 -23.61 28.68
N TYR A 706 -31.78 -24.59 29.30
CA TYR A 706 -31.16 -24.40 30.61
C TYR A 706 -29.78 -23.77 30.47
N ALA A 707 -29.48 -22.84 31.37
CA ALA A 707 -28.40 -21.86 31.19
C ALA A 707 -27.11 -22.23 31.91
N SER A 708 -26.77 -23.52 31.98
CA SER A 708 -25.47 -23.97 32.47
C SER A 708 -25.21 -23.53 33.91
N ILE A 709 -26.29 -23.26 34.64
CA ILE A 709 -26.27 -23.15 36.10
C ILE A 709 -27.44 -24.02 36.55
N TYR A 710 -27.93 -24.84 35.62
CA TYR A 710 -29.15 -25.61 35.82
C TYR A 710 -29.11 -26.80 34.87
N GLN A 711 -29.18 -28.01 35.43
CA GLN A 711 -29.29 -29.25 34.66
C GLN A 711 -28.11 -29.48 33.71
N ASP A 712 -27.00 -28.75 33.89
CA ASP A 712 -25.81 -28.93 33.05
C ASP A 712 -24.81 -29.79 33.82
N SER A 713 -24.97 -31.11 33.70
CA SER A 713 -24.21 -32.06 34.51
C SER A 713 -24.25 -31.67 35.97
N ARG A 714 -25.44 -31.25 36.40
CA ARG A 714 -25.60 -30.58 37.69
C ARG A 714 -25.18 -31.49 38.84
N THR A 715 -25.36 -32.80 38.69
CA THR A 715 -24.92 -33.79 39.66
C THR A 715 -25.43 -33.44 41.07
N GLU A 716 -26.76 -33.51 41.19
CA GLU A 716 -27.55 -33.27 42.39
C GLU A 716 -27.70 -31.79 42.73
N LEU A 717 -27.06 -30.90 41.98
CA LEU A 717 -27.10 -29.46 42.28
C LEU A 717 -28.06 -28.81 41.29
N GLU A 718 -29.34 -28.93 41.59
CA GLU A 718 -30.36 -28.58 40.61
C GLU A 718 -31.36 -27.54 41.10
N ALA A 719 -31.52 -27.37 42.41
CA ALA A 719 -32.58 -26.48 42.90
C ALA A 719 -32.01 -25.28 43.64
N ARG A 720 -30.84 -25.42 44.27
CA ARG A 720 -30.26 -24.30 44.99
C ARG A 720 -29.95 -23.14 44.04
N ARG A 721 -29.42 -23.45 42.86
CA ARG A 721 -29.14 -22.43 41.88
C ARG A 721 -30.43 -21.81 41.35
N PHE A 722 -31.46 -22.63 41.16
CA PHE A 722 -32.71 -22.13 40.58
C PHE A 722 -33.41 -21.18 41.54
N LEU A 723 -33.34 -21.47 42.84
CA LEU A 723 -33.74 -20.49 43.85
C LEU A 723 -32.63 -19.50 44.17
N GLN A 724 -31.49 -19.58 43.47
CA GLN A 724 -30.39 -18.64 43.66
C GLN A 724 -30.22 -17.76 42.43
N THR A 725 -30.33 -18.34 41.24
CA THR A 725 -30.04 -17.64 40.00
C THR A 725 -31.27 -16.86 39.54
N LEU A 726 -31.04 -15.63 39.09
CA LEU A 726 -32.09 -14.81 38.49
C LEU A 726 -31.92 -14.82 36.99
N VAL A 727 -32.80 -15.56 36.30
CA VAL A 727 -32.74 -15.74 34.87
C VAL A 727 -33.87 -14.96 34.21
N PHE A 728 -33.53 -14.26 33.13
CA PHE A 728 -34.40 -13.27 32.53
C PHE A 728 -34.17 -13.23 31.03
N ARG A 729 -35.09 -12.56 30.32
CA ARG A 729 -35.00 -12.41 28.87
C ARG A 729 -34.52 -11.00 28.55
N ILE A 730 -33.60 -10.89 27.59
CA ILE A 730 -33.04 -9.61 27.17
C ILE A 730 -33.08 -9.50 25.65
N HIS A 731 -33.63 -8.40 25.16
CA HIS A 731 -33.30 -7.91 23.82
C HIS A 731 -33.40 -6.39 23.85
N GLY A 732 -32.75 -5.74 22.89
CA GLY A 732 -32.86 -4.30 22.77
C GLY A 732 -31.70 -3.72 21.99
N ASN A 733 -31.76 -2.39 21.82
CA ASN A 733 -30.75 -1.64 21.08
C ASN A 733 -30.77 -0.20 21.53
N TRP A 734 -29.69 0.53 21.21
CA TRP A 734 -29.55 1.91 21.62
C TRP A 734 -28.56 2.61 20.70
N SER A 735 -28.58 3.94 20.74
CA SER A 735 -27.69 4.77 19.94
C SER A 735 -27.33 6.02 20.72
N ALA A 736 -26.16 6.58 20.44
CA ALA A 736 -25.73 7.80 21.11
C ALA A 736 -24.48 8.34 20.42
N ARG A 737 -24.00 9.47 20.91
CA ARG A 737 -22.71 10.03 20.52
C ARG A 737 -21.76 9.92 21.71
N ILE A 738 -20.67 9.19 21.52
CA ILE A 738 -19.79 8.79 22.62
C ILE A 738 -18.54 9.66 22.56
N PRO A 739 -18.22 10.42 23.60
CA PRO A 739 -16.96 11.17 23.62
C PRO A 739 -15.76 10.24 23.49
N TYR A 740 -14.60 10.82 23.17
CA TYR A 740 -13.36 10.09 23.04
C TYR A 740 -12.20 11.07 22.97
N THR A 741 -11.02 10.60 23.34
CA THR A 741 -9.83 11.42 23.19
C THR A 741 -9.33 11.32 21.74
N PRO A 742 -8.93 12.44 21.13
CA PRO A 742 -8.70 12.41 19.68
C PRO A 742 -7.35 11.84 19.27
N GLY A 743 -6.34 11.97 20.12
CA GLY A 743 -5.03 11.50 19.74
C GLY A 743 -4.23 12.58 19.04
N ASN A 744 -3.58 12.18 17.94
CA ASN A 744 -2.94 13.11 17.03
C ASN A 744 -3.80 13.19 15.78
N LEU A 745 -4.24 14.38 15.45
CA LEU A 745 -5.09 14.53 14.30
C LEU A 745 -4.24 14.38 13.04
N PRO A 746 -4.85 14.02 11.91
CA PRO A 746 -4.04 13.72 10.73
C PRO A 746 -3.30 14.92 10.18
N THR A 747 -3.72 16.14 10.49
CA THR A 747 -2.94 17.29 10.05
C THR A 747 -1.69 17.46 10.90
N ARG A 748 -1.78 17.15 12.20
CA ARG A 748 -0.58 17.07 13.02
C ARG A 748 0.33 15.96 12.53
N ASN A 749 -0.26 14.85 12.09
CA ASN A 749 0.56 13.78 11.54
C ASN A 749 1.29 14.21 10.27
N THR A 750 0.59 14.90 9.36
CA THR A 750 1.24 15.42 8.17
C THR A 750 2.34 16.41 8.52
N ALA A 751 2.09 17.28 9.50
CA ALA A 751 3.11 18.25 9.89
C ALA A 751 4.29 17.60 10.57
N ASN A 752 4.09 16.46 11.21
CA ASN A 752 5.15 15.82 11.99
C ASN A 752 6.01 14.86 11.19
N GLN A 753 5.52 14.33 10.07
CA GLN A 753 6.31 13.31 9.39
C GLN A 753 6.28 13.38 7.86
N HIS A 754 5.93 14.50 7.26
CA HIS A 754 6.14 14.60 5.82
C HIS A 754 7.57 15.05 5.57
N GLN A 755 8.00 14.90 4.32
CA GLN A 755 9.32 15.34 3.91
C GLN A 755 9.29 16.33 2.77
N ASP A 756 8.15 16.52 2.14
CA ASP A 756 8.08 17.08 0.82
C ASP A 756 6.72 17.73 0.63
N ILE A 757 6.58 18.54 -0.41
CA ILE A 757 5.26 19.10 -0.70
C ILE A 757 4.38 18.07 -1.39
N GLN A 758 4.98 17.14 -2.15
CA GLN A 758 4.21 16.05 -2.73
C GLN A 758 3.60 15.17 -1.65
N GLN A 759 4.30 14.96 -0.53
CA GLN A 759 3.71 14.15 0.53
C GLN A 759 2.59 14.90 1.23
N VAL A 760 2.66 16.21 1.31
CA VAL A 760 1.54 16.99 1.83
C VAL A 760 0.33 16.82 0.93
N ILE A 761 0.54 16.89 -0.38
CA ILE A 761 -0.57 16.74 -1.33
C ILE A 761 -1.17 15.34 -1.23
N ASN A 762 -0.33 14.32 -1.16
CA ASN A 762 -0.83 12.95 -1.10
C ASN A 762 -1.53 12.66 0.22
N ASP A 763 -1.05 13.24 1.32
CA ASP A 763 -1.74 13.08 2.60
C ASP A 763 -3.09 13.79 2.58
N SER A 764 -3.16 14.95 1.92
CA SER A 764 -4.45 15.62 1.77
C SER A 764 -5.43 14.78 0.96
N ILE A 765 -4.94 14.14 -0.10
CA ILE A 765 -5.83 13.28 -0.89
C ILE A 765 -6.30 12.09 -0.04
N SER A 766 -5.36 11.45 0.66
CA SER A 766 -5.71 10.31 1.49
C SER A 766 -6.74 10.68 2.54
N GLN A 767 -6.65 11.91 3.07
CA GLN A 767 -7.65 12.34 4.05
C GLN A 767 -8.99 12.65 3.41
N GLU A 768 -8.99 13.31 2.25
CA GLU A 768 -10.24 13.70 1.63
C GLU A 768 -10.99 12.51 1.04
N LEU A 769 -10.33 11.36 0.87
CA LEU A 769 -11.09 10.19 0.47
C LEU A 769 -12.08 9.76 1.53
N GLY A 770 -11.88 10.20 2.77
CA GLY A 770 -12.84 9.90 3.83
C GLY A 770 -14.07 10.76 3.83
N ARG A 771 -13.93 12.04 3.48
CA ARG A 771 -15.06 12.95 3.50
C ARG A 771 -16.01 12.73 2.34
N LEU A 772 -15.55 12.11 1.26
CA LEU A 772 -16.41 11.92 0.11
C LEU A 772 -17.43 10.81 0.39
N SER A 773 -18.57 10.90 -0.28
CA SER A 773 -19.65 9.97 -0.03
C SER A 773 -19.33 8.61 -0.64
N ASP A 774 -20.07 7.60 -0.21
CA ASP A 774 -20.02 6.29 -0.84
C ASP A 774 -21.16 6.07 -1.81
N GLU A 775 -21.96 7.10 -2.07
CA GLU A 775 -22.90 7.06 -3.18
C GLU A 775 -22.17 7.06 -4.51
N LEU A 776 -20.86 7.33 -4.50
CA LEU A 776 -20.12 7.51 -5.74
C LEU A 776 -19.52 6.21 -6.24
N LEU A 777 -19.62 5.14 -5.49
CA LEU A 777 -19.17 3.85 -6.00
C LEU A 777 -20.19 3.22 -6.93
N ASN A 778 -21.11 4.08 -7.34
CA ASN A 778 -22.18 3.77 -8.27
C ASN A 778 -21.95 4.57 -9.55
N MET A 779 -21.96 3.88 -10.69
CA MET A 779 -21.54 4.50 -11.94
C MET A 779 -22.41 5.68 -12.31
N LYS A 780 -23.73 5.53 -12.15
CA LYS A 780 -24.65 6.62 -12.47
C LYS A 780 -24.41 7.84 -11.59
N ASN A 781 -24.20 7.63 -10.28
CA ASN A 781 -24.03 8.76 -9.38
C ASN A 781 -22.68 9.43 -9.59
N ARG A 782 -21.66 8.67 -9.96
CA ARG A 782 -20.39 9.29 -10.30
C ARG A 782 -20.51 10.13 -11.55
N LEU A 783 -21.22 9.64 -12.57
CA LEU A 783 -21.41 10.46 -13.75
C LEU A 783 -22.20 11.72 -13.45
N ASP A 784 -23.23 11.62 -12.60
CA ASP A 784 -23.98 12.80 -12.21
C ASP A 784 -23.10 13.80 -11.48
N HIS A 785 -22.26 13.32 -10.56
CA HIS A 785 -21.39 14.21 -9.82
C HIS A 785 -20.41 14.91 -10.75
N LEU A 786 -19.86 14.18 -11.71
CA LEU A 786 -18.94 14.81 -12.65
C LEU A 786 -19.64 15.83 -13.53
N GLU A 787 -20.89 15.56 -13.92
CA GLU A 787 -21.64 16.55 -14.68
C GLU A 787 -21.89 17.81 -13.86
N ARG A 788 -22.18 17.66 -12.57
CA ARG A 788 -22.35 18.84 -11.72
C ARG A 788 -21.04 19.62 -11.62
N GLN A 789 -19.92 18.92 -11.45
CA GLN A 789 -18.63 19.61 -11.38
C GLN A 789 -18.35 20.37 -12.67
N PHE A 790 -18.70 19.77 -13.82
CA PHE A 790 -18.46 20.46 -15.08
C PHE A 790 -19.37 21.66 -15.24
N GLU A 791 -20.62 21.56 -14.82
CA GLU A 791 -21.49 22.73 -14.92
C GLU A 791 -20.98 23.86 -14.05
N MET A 792 -20.47 23.53 -12.86
CA MET A 792 -19.83 24.55 -12.03
C MET A 792 -18.65 25.18 -12.76
N PHE A 793 -17.84 24.35 -13.43
CA PHE A 793 -16.68 24.89 -14.13
C PHE A 793 -17.08 25.84 -15.24
N ILE A 794 -18.10 25.48 -16.02
CA ILE A 794 -18.48 26.28 -17.18
C ILE A 794 -19.21 27.56 -16.77
N GLN A 795 -20.12 27.47 -15.79
CA GLN A 795 -20.90 28.64 -15.41
C GLN A 795 -20.05 29.77 -14.85
N SER A 796 -18.81 29.52 -14.47
CA SER A 796 -17.99 30.50 -13.79
C SER A 796 -17.05 31.23 -14.72
N GLN A 797 -17.18 31.04 -16.03
CA GLN A 797 -16.25 31.59 -17.01
C GLN A 797 -16.67 33.00 -17.40
N GLU A 798 -15.72 33.93 -17.34
CA GLU A 798 -16.02 35.32 -17.64
C GLU A 798 -16.07 35.58 -19.14
N SER A 799 -15.59 34.64 -19.94
CA SER A 799 -15.64 34.80 -21.39
C SER A 799 -16.44 33.66 -22.01
N GLU A 800 -16.86 33.88 -23.26
CA GLU A 800 -17.73 32.93 -23.95
C GLU A 800 -16.95 31.97 -24.84
N TRP A 801 -15.76 31.56 -24.44
CA TRP A 801 -14.98 30.67 -25.28
C TRP A 801 -15.65 29.31 -25.44
N TRP A 802 -16.57 28.97 -24.53
CA TRP A 802 -17.20 27.66 -24.59
C TRP A 802 -18.19 27.55 -25.74
N GLU A 803 -18.92 28.63 -26.02
CA GLU A 803 -19.86 28.59 -27.14
C GLU A 803 -19.14 28.47 -28.47
N ILE A 804 -18.03 29.18 -28.63
CA ILE A 804 -17.25 29.05 -29.86
C ILE A 804 -16.55 27.71 -29.94
N LEU A 805 -16.19 27.13 -28.79
CA LEU A 805 -15.63 25.78 -28.85
C LEU A 805 -16.69 24.78 -29.30
N LEU A 806 -17.93 24.97 -28.85
CA LEU A 806 -19.01 24.12 -29.33
C LEU A 806 -19.26 24.32 -30.82
N ASN A 807 -19.16 25.56 -31.30
CA ASN A 807 -19.29 25.80 -32.74
C ASN A 807 -18.21 25.08 -33.53
N VAL A 808 -16.96 25.15 -33.05
CA VAL A 808 -15.85 24.48 -33.71
C VAL A 808 -16.06 22.98 -33.71
N VAL A 809 -16.53 22.44 -32.59
CA VAL A 809 -16.74 21.00 -32.50
C VAL A 809 -17.87 20.57 -33.42
N MET A 810 -18.90 21.39 -33.59
CA MET A 810 -19.97 21.04 -34.51
C MET A 810 -19.49 21.07 -35.96
N ASP A 811 -18.71 22.09 -36.31
CA ASP A 811 -18.08 22.11 -37.64
C ASP A 811 -17.25 20.86 -37.88
N THR A 812 -16.39 20.50 -36.92
CA THR A 812 -15.52 19.35 -37.12
C THR A 812 -16.33 18.06 -37.21
N VAL A 813 -17.27 17.86 -36.29
CA VAL A 813 -18.05 16.63 -36.29
C VAL A 813 -18.73 16.46 -37.63
N LEU A 814 -19.24 17.58 -38.15
CA LEU A 814 -19.94 17.66 -39.42
C LEU A 814 -19.03 17.49 -40.64
N GLY A 815 -17.71 17.55 -40.42
CA GLY A 815 -16.74 17.38 -41.49
C GLY A 815 -16.12 18.60 -42.15
N TYR A 816 -16.56 19.80 -41.81
CA TYR A 816 -15.97 21.02 -42.36
C TYR A 816 -14.63 21.29 -41.67
N PHE A 817 -13.75 22.04 -42.32
CA PHE A 817 -12.46 22.35 -41.70
C PHE A 817 -12.43 23.79 -41.22
N SER A 818 -12.09 23.97 -39.95
CA SER A 818 -12.05 25.28 -39.33
C SER A 818 -10.64 25.63 -38.91
N THR A 819 -10.19 26.82 -39.30
CA THR A 819 -8.80 27.22 -39.15
C THR A 819 -8.41 27.48 -37.70
N PHE A 820 -9.35 27.92 -36.86
CA PHE A 820 -9.02 28.38 -35.52
C PHE A 820 -9.44 27.40 -34.43
N ALA A 821 -9.59 26.13 -34.79
CA ALA A 821 -9.74 25.08 -33.80
C ALA A 821 -8.55 25.03 -32.86
N GLY A 822 -7.37 25.45 -33.34
CA GLY A 822 -6.22 25.52 -32.47
C GLY A 822 -6.39 26.55 -31.37
N ASN A 823 -7.00 27.69 -31.69
CA ASN A 823 -7.22 28.72 -30.68
C ASN A 823 -8.36 28.33 -29.74
N ALA A 824 -9.35 27.63 -30.26
CA ALA A 824 -10.37 27.06 -29.37
C ALA A 824 -9.75 26.10 -28.37
N LEU A 825 -8.88 25.20 -28.83
CA LEU A 825 -8.19 24.28 -27.95
C LEU A 825 -7.33 25.02 -26.93
N LYS A 826 -6.62 26.05 -27.37
CA LYS A 826 -5.77 26.78 -26.44
C LYS A 826 -6.59 27.45 -25.36
N SER A 827 -7.75 27.99 -25.71
CA SER A 827 -8.60 28.62 -24.70
C SER A 827 -9.09 27.61 -23.68
N ALA A 828 -9.53 26.43 -24.15
CA ALA A 828 -9.99 25.40 -23.21
C ALA A 828 -8.88 24.94 -22.29
N GLN A 829 -7.69 24.72 -22.84
CA GLN A 829 -6.60 24.23 -22.02
C GLN A 829 -6.13 25.28 -21.03
N GLN A 830 -6.08 26.55 -21.43
CA GLN A 830 -5.75 27.60 -20.47
C GLN A 830 -6.76 27.67 -19.34
N ALA A 831 -8.05 27.57 -19.67
CA ALA A 831 -9.05 27.63 -18.61
C ALA A 831 -8.91 26.47 -17.64
N ILE A 832 -8.70 25.25 -18.14
CA ILE A 832 -8.51 24.11 -17.26
C ILE A 832 -7.26 24.28 -16.41
N SER A 833 -6.20 24.87 -16.98
CA SER A 833 -5.00 25.12 -16.20
C SER A 833 -5.19 26.19 -15.15
N LYS A 834 -6.18 27.07 -15.34
CA LYS A 834 -6.40 28.13 -14.36
C LYS A 834 -7.38 27.71 -13.28
N ALA A 835 -8.37 26.90 -13.63
CA ALA A 835 -9.35 26.39 -12.67
C ALA A 835 -8.77 25.13 -12.03
N VAL A 836 -8.06 25.31 -10.93
CA VAL A 836 -7.41 24.19 -10.27
C VAL A 836 -8.32 23.52 -9.26
N GLY A 837 -9.35 24.22 -8.78
CA GLY A 837 -10.33 23.55 -7.95
C GLY A 837 -11.06 22.44 -8.69
N TYR A 838 -11.47 22.71 -9.93
CA TYR A 838 -12.11 21.70 -10.75
C TYR A 838 -11.19 20.52 -11.00
N THR A 839 -9.93 20.79 -11.33
CA THR A 839 -8.98 19.71 -11.56
C THR A 839 -8.78 18.88 -10.30
N ARG A 840 -8.68 19.52 -9.14
CA ARG A 840 -8.52 18.78 -7.91
C ARG A 840 -9.72 17.92 -7.59
N ARG A 841 -10.93 18.42 -7.84
CA ARG A 841 -12.10 17.62 -7.51
C ARG A 841 -12.31 16.49 -8.51
N VAL A 842 -11.95 16.70 -9.78
CA VAL A 842 -11.98 15.60 -10.73
C VAL A 842 -10.99 14.52 -10.31
N LEU A 843 -9.79 14.92 -9.90
CA LEU A 843 -8.81 13.95 -9.43
C LEU A 843 -9.31 13.21 -8.19
N MET A 844 -9.95 13.91 -7.27
CA MET A 844 -10.41 13.27 -6.05
C MET A 844 -11.51 12.26 -6.32
N THR A 845 -12.46 12.58 -7.20
CA THR A 845 -13.47 11.58 -7.51
C THR A 845 -12.90 10.40 -8.28
N VAL A 846 -11.93 10.64 -9.17
CA VAL A 846 -11.29 9.53 -9.86
C VAL A 846 -10.57 8.62 -8.87
N THR A 847 -9.88 9.21 -7.90
CA THR A 847 -9.20 8.41 -6.90
C THR A 847 -10.17 7.67 -6.00
N LYS A 848 -11.32 8.26 -5.70
CA LYS A 848 -12.27 7.59 -4.82
C LYS A 848 -12.94 6.41 -5.52
N THR A 849 -13.31 6.55 -6.79
CA THR A 849 -14.14 5.53 -7.42
C THR A 849 -13.35 4.42 -8.09
N MET A 850 -12.05 4.58 -8.31
CA MET A 850 -11.28 3.47 -8.84
C MET A 850 -11.14 2.39 -7.79
N ARG A 851 -10.95 1.14 -8.24
CA ARG A 851 -10.74 0.05 -7.31
C ARG A 851 -9.44 0.27 -6.54
N ASN A 852 -9.54 0.31 -5.22
CA ASN A 852 -8.40 0.53 -4.33
C ASN A 852 -7.72 1.85 -4.62
N GLY A 853 -8.44 2.93 -4.35
CA GLY A 853 -7.88 4.26 -4.36
C GLY A 853 -6.77 4.48 -3.35
N PRO A 854 -7.00 4.10 -2.08
CA PRO A 854 -5.95 4.30 -1.07
C PRO A 854 -4.66 3.53 -1.34
N ILE A 855 -4.77 2.28 -1.79
CA ILE A 855 -3.58 1.54 -2.18
C ILE A 855 -2.83 2.30 -3.26
N PHE A 856 -3.56 2.89 -4.21
CA PHE A 856 -2.91 3.61 -5.29
C PHE A 856 -2.17 4.83 -4.76
N THR A 857 -2.82 5.62 -3.92
CA THR A 857 -2.16 6.80 -3.37
C THR A 857 -0.91 6.43 -2.60
N ARG A 858 -0.91 5.31 -1.88
CA ARG A 858 0.31 4.90 -1.22
C ARG A 858 1.32 4.30 -2.20
N LEU A 859 0.88 3.72 -3.32
CA LEU A 859 1.81 3.26 -4.34
C LEU A 859 2.57 4.42 -4.96
N LEU A 860 1.90 5.57 -5.10
CA LEU A 860 2.52 6.69 -5.78
C LEU A 860 3.85 7.07 -5.14
N GLY A 861 3.99 6.83 -3.85
CA GLY A 861 5.25 7.10 -3.18
C GLY A 861 5.48 8.59 -3.06
N ALA A 862 6.55 9.08 -3.66
CA ALA A 862 6.89 10.49 -3.57
C ALA A 862 6.39 11.30 -4.75
N LYS A 863 5.62 10.71 -5.66
CA LYS A 863 5.11 11.41 -6.83
C LYS A 863 3.65 11.75 -6.66
N ASN A 864 3.18 12.63 -7.54
CA ASN A 864 1.78 13.01 -7.62
C ASN A 864 1.19 12.54 -8.93
N LEU A 865 -0.04 12.04 -8.90
CA LEU A 865 -0.79 11.93 -10.12
C LEU A 865 -1.23 13.32 -10.55
N SER A 866 -0.90 13.69 -11.79
CA SER A 866 -1.27 14.99 -12.32
C SER A 866 -2.70 14.95 -12.84
N GLY A 867 -3.53 15.85 -12.36
CA GLY A 867 -4.93 15.89 -12.71
C GLY A 867 -5.27 16.70 -13.93
N GLN A 868 -4.29 17.22 -14.65
CA GLN A 868 -4.57 18.02 -15.83
C GLN A 868 -5.21 17.19 -16.95
N ALA A 869 -4.62 16.03 -17.25
CA ALA A 869 -5.13 15.24 -18.36
C ALA A 869 -6.53 14.72 -18.07
N LEU A 870 -6.83 14.44 -16.80
CA LEU A 870 -8.16 13.96 -16.45
C LEU A 870 -9.23 14.99 -16.80
N ALA A 871 -9.04 16.22 -16.32
CA ALA A 871 -9.98 17.29 -16.63
C ALA A 871 -10.00 17.62 -18.11
N SER A 872 -8.86 17.49 -18.78
CA SER A 872 -8.81 17.74 -20.22
C SER A 872 -9.70 16.78 -20.98
N LEU A 873 -9.62 15.49 -20.63
CA LEU A 873 -10.50 14.50 -21.25
C LEU A 873 -11.95 14.76 -20.87
N GLU A 874 -12.21 15.17 -19.63
CA GLU A 874 -13.56 15.52 -19.23
C GLU A 874 -14.15 16.56 -20.17
N THR A 875 -13.43 17.66 -20.38
CA THR A 875 -13.91 18.73 -21.23
C THR A 875 -14.10 18.28 -22.68
N LEU A 876 -13.15 17.49 -23.21
CA LEU A 876 -13.28 17.02 -24.58
C LEU A 876 -14.54 16.18 -24.76
N VAL A 877 -14.73 15.18 -23.91
CA VAL A 877 -15.87 14.28 -24.04
C VAL A 877 -17.15 15.06 -23.86
N GLU A 878 -17.18 16.00 -22.91
CA GLU A 878 -18.39 16.75 -22.66
C GLU A 878 -18.75 17.63 -23.86
N SER A 879 -17.78 18.25 -24.49
CA SER A 879 -18.08 19.09 -25.65
C SER A 879 -18.64 18.27 -26.79
N VAL A 880 -18.03 17.12 -27.09
CA VAL A 880 -18.55 16.32 -28.19
C VAL A 880 -19.94 15.76 -27.87
N LEU A 881 -20.14 15.34 -26.62
CA LEU A 881 -21.45 14.82 -26.24
C LEU A 881 -22.53 15.88 -26.37
N ARG A 882 -22.27 17.11 -25.88
CA ARG A 882 -23.26 18.15 -26.03
C ARG A 882 -23.45 18.54 -27.48
N SER A 883 -22.43 18.36 -28.32
CA SER A 883 -22.60 18.66 -29.74
C SER A 883 -23.53 17.67 -30.41
N ILE A 884 -23.34 16.37 -30.15
CA ILE A 884 -24.27 15.37 -30.68
C ILE A 884 -25.52 15.26 -29.84
N ASN A 885 -25.56 15.90 -28.67
CA ASN A 885 -26.74 15.95 -27.80
C ASN A 885 -27.15 14.56 -27.31
N VAL A 886 -26.24 13.91 -26.58
CA VAL A 886 -26.49 12.63 -25.95
C VAL A 886 -25.89 12.66 -24.55
N LYS A 887 -26.58 12.08 -23.60
CA LYS A 887 -26.02 11.97 -22.26
C LYS A 887 -24.97 10.86 -22.22
N LYS A 888 -24.02 11.01 -21.30
CA LYS A 888 -22.89 10.08 -21.27
C LYS A 888 -23.27 8.73 -20.70
N SER A 889 -24.38 8.63 -19.98
CA SER A 889 -24.80 7.33 -19.48
C SER A 889 -25.31 6.44 -20.59
N ARG A 890 -25.55 7.00 -21.78
CA ARG A 890 -26.02 6.20 -22.90
C ARG A 890 -24.89 5.35 -23.47
N PHE A 891 -23.66 5.81 -23.39
CA PHE A 891 -22.52 5.10 -23.95
C PHE A 891 -21.82 4.21 -22.94
N MET A 892 -22.29 4.18 -21.71
CA MET A 892 -21.56 3.55 -20.61
C MET A 892 -22.33 2.38 -20.05
N SER A 893 -22.90 1.54 -20.91
CA SER A 893 -23.78 0.46 -20.47
C SER A 893 -23.15 -0.89 -20.73
N GLY A 894 -23.13 -1.71 -19.68
CA GLY A 894 -22.55 -3.04 -19.74
C GLY A 894 -22.49 -3.65 -18.35
N ALA A 895 -21.72 -4.72 -18.25
CA ALA A 895 -21.49 -5.37 -16.96
C ALA A 895 -20.09 -5.09 -16.46
N GLU A 896 -19.90 -5.22 -15.12
CA GLU A 896 -18.69 -4.86 -14.39
C GLU A 896 -17.74 -6.04 -14.26
N PRO A 897 -16.42 -5.83 -14.43
CA PRO A 897 -15.70 -4.59 -14.76
C PRO A 897 -16.04 -4.04 -16.12
N LEU A 898 -16.46 -2.79 -16.15
CA LEU A 898 -17.13 -2.25 -17.32
C LEU A 898 -16.22 -2.20 -18.53
N TYR A 899 -14.92 -2.02 -18.33
CA TYR A 899 -14.04 -1.84 -19.48
C TYR A 899 -13.82 -3.12 -20.25
N LYS A 900 -14.09 -4.27 -19.64
CA LYS A 900 -14.05 -5.54 -20.36
C LYS A 900 -15.32 -5.82 -21.12
N ASN A 901 -16.37 -5.04 -20.89
CA ASN A 901 -17.66 -5.25 -21.52
C ASN A 901 -18.16 -4.04 -22.30
N ASN A 902 -17.35 -3.00 -22.45
CA ASN A 902 -17.70 -1.83 -23.23
C ASN A 902 -16.49 -1.46 -24.07
N LYS A 903 -16.71 -1.25 -25.37
CA LYS A 903 -15.59 -1.00 -26.26
C LYS A 903 -15.08 0.42 -26.21
N VAL A 904 -15.75 1.29 -25.45
CA VAL A 904 -15.39 2.70 -25.40
C VAL A 904 -15.24 3.20 -23.97
N ALA A 905 -15.64 2.42 -22.97
CA ALA A 905 -15.62 2.93 -21.60
C ALA A 905 -14.21 3.28 -21.15
N GLN A 906 -13.22 2.48 -21.54
CA GLN A 906 -11.84 2.80 -21.20
C GLN A 906 -11.34 4.06 -21.89
N HIS A 907 -12.04 4.54 -22.92
CA HIS A 907 -11.56 5.69 -23.67
C HIS A 907 -12.16 7.02 -23.21
N ILE A 908 -13.41 7.03 -22.75
CA ILE A 908 -14.08 8.27 -22.38
C ILE A 908 -14.22 8.45 -20.89
N ASP A 909 -13.89 7.45 -20.08
CA ASP A 909 -14.07 7.52 -18.65
C ASP A 909 -12.70 7.45 -18.00
N ASN A 910 -12.44 8.36 -17.06
CA ASN A 910 -11.13 8.38 -16.42
C ASN A 910 -10.96 7.25 -15.43
N THR A 911 -12.04 6.87 -14.74
CA THR A 911 -11.96 5.81 -13.75
C THR A 911 -11.70 4.46 -14.40
N GLU A 912 -12.39 4.17 -15.50
CA GLU A 912 -12.16 2.92 -16.20
C GLU A 912 -10.76 2.86 -16.77
N LYS A 913 -10.26 3.98 -17.29
CA LYS A 913 -8.89 3.99 -17.79
C LYS A 913 -7.89 3.74 -16.67
N MET A 914 -8.12 4.33 -15.51
CA MET A 914 -7.26 4.06 -14.36
C MET A 914 -7.31 2.60 -13.94
N ASN A 915 -8.50 2.02 -13.93
CA ASN A 915 -8.65 0.61 -13.57
C ASN A 915 -7.93 -0.29 -14.55
N MET A 916 -8.07 -0.01 -15.85
CA MET A 916 -7.39 -0.80 -16.87
C MET A 916 -5.89 -0.70 -16.73
N MET A 917 -5.38 0.50 -16.44
CA MET A 917 -3.94 0.66 -16.32
C MET A 917 -3.39 -0.03 -15.08
N MET A 918 -4.15 0.00 -13.98
CA MET A 918 -3.68 -0.70 -12.79
C MET A 918 -3.77 -2.21 -12.95
N ASP A 919 -4.75 -2.70 -13.72
CA ASP A 919 -4.77 -4.12 -14.03
C ASP A 919 -3.60 -4.51 -14.91
N PHE A 920 -3.35 -3.75 -15.97
CA PHE A 920 -2.28 -4.07 -16.90
C PHE A 920 -0.93 -4.03 -16.20
N SER A 921 -0.68 -3.00 -15.39
CA SER A 921 0.64 -2.78 -14.82
C SER A 921 1.09 -3.92 -13.93
N PHE A 922 0.23 -4.44 -13.07
CA PHE A 922 0.63 -5.45 -12.11
C PHE A 922 0.15 -6.85 -12.47
N ALA A 923 -0.47 -7.02 -13.63
CA ALA A 923 -1.00 -8.31 -14.05
C ALA A 923 -1.98 -8.84 -13.01
N ASN A 924 -2.88 -7.99 -12.56
CA ASN A 924 -4.01 -8.33 -11.71
C ASN A 924 -3.59 -8.79 -10.33
N ARG A 925 -2.31 -8.65 -9.98
CA ARG A 925 -1.88 -8.93 -8.63
C ARG A 925 -2.38 -7.90 -7.65
N ASN A 926 -2.91 -6.77 -8.12
CA ASN A 926 -3.44 -5.78 -7.22
C ASN A 926 -4.86 -6.09 -6.78
N ASN A 927 -5.57 -6.97 -7.49
CA ASN A 927 -6.87 -7.44 -7.08
C ASN A 927 -6.77 -8.54 -6.04
N ARG A 928 -5.57 -8.98 -5.71
CA ARG A 928 -5.36 -9.85 -4.56
C ARG A 928 -5.90 -9.17 -3.31
N GLN A 929 -6.39 -9.98 -2.38
CA GLN A 929 -7.09 -9.43 -1.23
C GLN A 929 -6.10 -8.86 -0.21
N ASN A 930 -6.40 -7.65 0.27
CA ASN A 930 -5.71 -7.02 1.40
C ASN A 930 -4.22 -6.80 1.13
N ILE A 931 -3.81 -6.77 -0.12
CA ILE A 931 -2.40 -6.57 -0.45
C ILE A 931 -2.01 -5.15 -0.09
N THR A 932 -0.81 -4.99 0.45
CA THR A 932 -0.30 -3.67 0.79
C THR A 932 0.58 -3.14 -0.35
N ALA A 933 0.71 -1.82 -0.40
CA ALA A 933 1.44 -1.20 -1.49
C ALA A 933 2.88 -1.67 -1.59
N ASP A 934 3.57 -1.89 -0.46
CA ASP A 934 4.96 -2.35 -0.54
C ASP A 934 5.07 -3.72 -1.20
N THR A 935 4.22 -4.67 -0.82
CA THR A 935 4.26 -5.96 -1.49
C THR A 935 3.87 -5.84 -2.95
N LEU A 936 2.96 -4.92 -3.25
CA LEU A 936 2.45 -4.76 -4.61
C LEU A 936 3.43 -4.06 -5.51
N SER A 937 4.22 -3.14 -4.97
CA SER A 937 5.09 -2.33 -5.83
C SER A 937 6.23 -3.14 -6.41
N ARG A 938 6.52 -4.31 -5.86
CA ARG A 938 7.55 -5.20 -6.36
C ARG A 938 7.02 -6.18 -7.38
N MET A 939 5.83 -5.91 -7.94
CA MET A 939 5.15 -6.81 -8.85
C MET A 939 4.88 -6.17 -10.20
N HIS A 940 5.69 -5.19 -10.60
CA HIS A 940 5.50 -4.54 -11.88
C HIS A 940 5.96 -5.44 -13.01
N THR A 941 5.31 -5.30 -14.16
CA THR A 941 5.54 -6.16 -15.31
C THR A 941 6.51 -5.60 -16.34
N GLN A 942 7.20 -4.50 -16.03
CA GLN A 942 8.19 -3.96 -16.93
C GLN A 942 9.55 -4.57 -16.67
N ASN A 943 10.35 -4.69 -17.73
CA ASN A 943 11.68 -5.26 -17.61
C ASN A 943 12.63 -4.24 -16.98
N ALA A 944 13.41 -4.70 -16.01
CA ALA A 944 14.32 -3.84 -15.28
C ALA A 944 13.59 -2.65 -14.69
N HIS A 945 12.60 -2.93 -13.85
CA HIS A 945 11.84 -1.89 -13.17
C HIS A 945 12.53 -1.57 -11.87
N GLY A 946 13.06 -0.36 -11.76
CA GLY A 946 13.62 0.12 -10.52
C GLY A 946 12.49 0.43 -9.55
N THR A 947 12.86 0.62 -8.29
CA THR A 947 11.85 1.00 -7.31
C THR A 947 11.56 2.49 -7.40
N SER A 948 12.36 3.22 -8.17
CA SER A 948 12.21 4.65 -8.36
C SER A 948 11.46 5.01 -9.64
N ASP A 949 10.89 4.05 -10.34
CA ASP A 949 10.25 4.30 -11.62
C ASP A 949 8.78 4.62 -11.43
N THR A 950 8.17 5.13 -12.49
CA THR A 950 6.76 5.48 -12.45
C THR A 950 5.91 4.23 -12.63
N VAL A 951 4.83 4.15 -11.85
CA VAL A 951 3.88 3.06 -12.00
C VAL A 951 3.24 3.12 -13.38
N LEU A 952 2.74 4.28 -13.77
CA LEU A 952 2.21 4.48 -15.11
C LEU A 952 3.35 4.64 -16.10
N PRO A 953 3.13 4.25 -17.36
CA PRO A 953 4.17 4.41 -18.38
C PRO A 953 4.66 5.85 -18.46
N ALA A 954 5.97 6.00 -18.58
CA ALA A 954 6.60 7.30 -18.39
C ALA A 954 6.43 8.19 -19.59
N MET A 955 6.71 9.48 -19.39
CA MET A 955 6.39 10.52 -20.37
C MET A 955 7.38 11.63 -20.11
N ARG A 956 8.46 11.69 -20.89
CA ARG A 956 9.45 12.73 -20.62
C ARG A 956 10.31 12.97 -21.85
N VAL A 957 11.18 13.95 -21.76
CA VAL A 957 12.07 14.39 -22.83
C VAL A 957 13.49 14.03 -22.46
N TYR A 958 14.22 13.43 -23.40
CA TYR A 958 15.61 13.04 -23.19
C TYR A 958 16.52 13.94 -24.01
N TYR A 959 17.50 14.55 -23.34
CA TYR A 959 18.40 15.51 -23.99
C TYR A 959 19.75 15.40 -23.29
N ARG A 960 20.60 14.51 -23.79
CA ARG A 960 21.90 14.22 -23.18
C ARG A 960 22.87 13.78 -24.25
N PRO A 961 24.15 14.14 -24.14
CA PRO A 961 25.14 13.71 -25.13
C PRO A 961 25.45 12.23 -25.01
N LEU A 962 25.88 11.65 -26.14
CA LEU A 962 26.06 10.21 -26.27
C LEU A 962 27.49 9.87 -26.61
N GLY A 963 28.14 9.09 -25.75
CA GLY A 963 29.50 8.68 -25.96
C GLY A 963 30.55 9.52 -25.26
N PHE A 964 30.15 10.60 -24.59
CA PHE A 964 31.08 11.45 -23.88
C PHE A 964 30.30 12.24 -22.84
N LEU A 965 31.02 12.80 -21.88
CA LEU A 965 30.40 13.59 -20.84
C LEU A 965 29.98 14.95 -21.39
N ASP A 966 29.35 15.75 -20.52
CA ASP A 966 29.02 17.11 -20.87
C ASP A 966 29.84 18.15 -20.12
N LYS A 967 30.62 17.73 -19.13
CA LYS A 967 31.67 18.56 -18.57
C LYS A 967 32.98 17.81 -18.63
N ARG A 968 34.07 18.54 -18.76
CA ARG A 968 35.37 17.92 -18.68
C ARG A 968 35.75 17.73 -17.22
N VAL A 969 36.71 16.84 -16.99
CA VAL A 969 37.25 16.64 -15.65
C VAL A 969 38.47 17.53 -15.50
N GLY A 970 38.38 18.54 -14.63
CA GLY A 970 39.35 19.60 -14.60
C GLY A 970 40.65 19.22 -13.93
N GLU A 971 41.48 20.23 -13.72
CA GLU A 971 42.68 20.11 -12.91
C GLU A 971 42.73 21.29 -11.95
N ALA A 972 43.52 21.16 -10.90
CA ALA A 972 43.82 22.29 -10.05
C ALA A 972 45.04 23.01 -10.59
N LEU A 973 45.15 24.29 -10.27
CA LEU A 973 46.29 25.07 -10.75
C LEU A 973 47.58 24.56 -10.11
N HIS A 974 48.59 24.34 -10.94
CA HIS A 974 49.90 23.95 -10.44
C HIS A 974 50.55 25.11 -9.71
N LYS A 975 51.22 24.81 -8.60
CA LYS A 975 51.74 25.86 -7.74
C LYS A 975 53.15 26.30 -8.09
N GLY A 976 53.72 25.75 -9.16
CA GLY A 976 54.98 26.25 -9.66
C GLY A 976 54.78 27.52 -10.46
N ILE A 977 55.83 27.90 -11.20
CA ILE A 977 55.78 29.07 -12.07
C ILE A 977 55.34 28.63 -13.46
N THR A 978 54.32 29.31 -14.00
CA THR A 978 53.66 28.87 -15.21
C THR A 978 54.55 29.08 -16.43
N ARG A 979 54.34 28.24 -17.43
CA ARG A 979 55.12 28.24 -18.65
C ARG A 979 54.23 28.62 -19.82
N PRO A 980 54.77 29.38 -20.79
CA PRO A 980 53.91 29.85 -21.89
C PRO A 980 53.26 28.72 -22.65
N GLU A 981 53.95 27.60 -22.81
CA GLU A 981 53.34 26.45 -23.43
C GLU A 981 52.23 25.84 -22.57
N ALA A 982 52.37 25.89 -21.25
CA ALA A 982 51.25 25.46 -20.41
C ALA A 982 50.03 26.34 -20.63
N LEU A 983 50.24 27.66 -20.72
CA LEU A 983 49.15 28.58 -20.98
C LEU A 983 48.48 28.29 -22.31
N LYS A 984 49.29 28.03 -23.35
CA LYS A 984 48.73 27.74 -24.66
C LYS A 984 47.94 26.44 -24.65
N LYS A 985 48.46 25.42 -23.97
CA LYS A 985 47.75 24.15 -23.88
C LYS A 985 46.43 24.31 -23.14
N GLN A 986 46.42 25.09 -22.07
CA GLN A 986 45.17 25.32 -21.35
C GLN A 986 44.16 26.05 -22.21
N LEU A 987 44.62 27.02 -23.00
CA LEU A 987 43.68 27.69 -23.90
C LEU A 987 43.12 26.73 -24.93
N ARG A 988 43.96 25.86 -25.50
CA ARG A 988 43.46 24.91 -26.49
C ARG A 988 42.44 23.97 -25.89
N SER A 989 42.70 23.49 -24.67
CA SER A 989 41.72 22.64 -24.00
C SER A 989 40.40 23.38 -23.78
N ASP A 990 40.46 24.63 -23.32
CA ASP A 990 39.26 25.40 -23.10
C ASP A 990 38.46 25.56 -24.38
N VAL A 991 39.13 25.89 -25.47
CA VAL A 991 38.44 26.13 -26.73
C VAL A 991 37.87 24.85 -27.29
N ALA A 992 38.56 23.72 -27.11
CA ALA A 992 38.03 22.46 -27.58
C ALA A 992 36.87 21.95 -26.74
N ASN A 993 36.69 22.45 -25.52
CA ASN A 993 35.65 21.90 -24.65
C ASN A 993 34.48 22.84 -24.36
N VAL A 994 34.64 24.15 -24.48
CA VAL A 994 33.56 25.06 -24.14
C VAL A 994 32.62 25.20 -25.32
N GLY A 995 31.41 24.66 -25.19
CA GLY A 995 30.38 24.82 -26.18
C GLY A 995 30.32 23.76 -27.26
N THR A 996 31.11 22.69 -27.15
CA THR A 996 31.17 21.67 -28.18
C THR A 996 30.42 20.39 -27.82
N ARG A 997 29.85 20.31 -26.63
CA ARG A 997 29.26 19.07 -26.12
C ARG A 997 27.74 19.13 -26.03
N ALA A 998 27.10 19.79 -26.97
CA ALA A 998 25.64 19.78 -26.98
C ALA A 998 25.14 18.44 -27.49
N PRO A 999 24.03 17.93 -26.96
CA PRO A 999 23.46 16.71 -27.51
C PRO A 999 22.99 16.93 -28.94
N SER A 1000 23.03 15.87 -29.73
CA SER A 1000 22.73 15.99 -31.13
C SER A 1000 21.24 15.97 -31.43
N HIS A 1001 20.41 15.62 -30.47
CA HIS A 1001 18.98 15.52 -30.69
C HIS A 1001 18.29 15.46 -29.35
N ALA A 1002 16.97 15.58 -29.39
CA ALA A 1002 16.12 15.36 -28.24
C ALA A 1002 14.94 14.53 -28.70
N PHE A 1003 14.32 13.81 -27.79
CA PHE A 1003 13.18 12.99 -28.17
C PHE A 1003 12.25 12.81 -27.00
N MET A 1004 11.04 12.37 -27.31
CA MET A 1004 9.95 12.21 -26.37
C MET A 1004 9.26 10.91 -26.73
N THR A 1005 8.72 10.23 -25.74
CA THR A 1005 7.91 9.05 -26.01
C THR A 1005 6.59 9.16 -25.27
N TYR A 1006 5.53 8.78 -25.96
CA TYR A 1006 4.18 8.76 -25.42
C TYR A 1006 3.61 7.38 -25.69
N THR A 1007 3.47 6.58 -24.65
CA THR A 1007 2.97 5.22 -24.79
C THR A 1007 1.60 5.07 -24.16
N ASP A 1008 0.78 4.26 -24.80
CA ASP A 1008 -0.64 4.11 -24.50
C ASP A 1008 -1.04 2.66 -24.68
N VAL A 1009 -1.93 2.18 -23.82
CA VAL A 1009 -2.30 0.78 -23.77
C VAL A 1009 -3.76 0.62 -24.17
N LEU A 1010 -4.07 -0.50 -24.80
CA LEU A 1010 -5.43 -0.87 -25.15
C LEU A 1010 -5.71 -2.24 -24.59
N TYR A 1011 -6.95 -2.52 -24.23
CA TYR A 1011 -7.35 -3.84 -23.80
C TYR A 1011 -8.30 -4.41 -24.84
N GLU A 1012 -7.90 -5.51 -25.47
CA GLU A 1012 -8.69 -5.98 -26.60
C GLU A 1012 -9.47 -7.25 -26.34
N ASP A 1013 -8.93 -8.22 -25.61
CA ASP A 1013 -9.68 -9.43 -25.29
C ASP A 1013 -9.27 -9.92 -23.91
N ALA A 1014 -9.57 -11.17 -23.61
CA ALA A 1014 -9.47 -11.68 -22.25
C ALA A 1014 -8.09 -11.43 -21.65
N GLY A 1015 -7.04 -11.73 -22.40
CA GLY A 1015 -5.71 -11.52 -21.86
C GLY A 1015 -4.75 -10.91 -22.86
N SER A 1016 -5.25 -10.05 -23.73
CA SER A 1016 -4.45 -9.44 -24.79
C SER A 1016 -4.53 -7.93 -24.68
N TYR A 1017 -3.40 -7.26 -24.87
CA TYR A 1017 -3.36 -5.81 -24.93
C TYR A 1017 -2.58 -5.41 -26.17
N ILE A 1018 -2.82 -4.19 -26.64
CA ILE A 1018 -2.03 -3.60 -27.70
C ILE A 1018 -1.36 -2.35 -27.16
N VAL A 1019 -0.05 -2.39 -27.05
CA VAL A 1019 0.72 -1.26 -26.53
C VAL A 1019 1.22 -0.45 -27.71
N SER A 1020 0.82 0.81 -27.78
CA SER A 1020 1.04 1.66 -28.94
C SER A 1020 1.95 2.80 -28.56
N LYS A 1021 3.22 2.69 -28.93
CA LYS A 1021 4.26 3.58 -28.43
C LYS A 1021 4.64 4.59 -29.49
N ARG A 1022 4.52 5.88 -29.17
CA ARG A 1022 4.68 6.98 -30.13
C ARG A 1022 5.98 7.71 -29.86
N TYR A 1023 6.98 7.48 -30.70
CA TYR A 1023 8.27 8.15 -30.58
C TYR A 1023 8.26 9.42 -31.43
N LEU A 1024 8.94 10.46 -30.96
CA LEU A 1024 9.06 11.71 -31.69
C LEU A 1024 10.32 12.42 -31.24
N GLY A 1025 11.23 12.68 -32.17
CA GLY A 1025 12.47 13.36 -31.85
C GLY A 1025 12.85 14.32 -32.95
N ILE A 1026 13.74 15.23 -32.60
CA ILE A 1026 14.21 16.28 -33.51
C ILE A 1026 15.73 16.33 -33.44
N GLY A 1027 16.37 16.58 -34.57
CA GLY A 1027 17.80 16.71 -34.59
C GLY A 1027 18.27 18.06 -34.08
N GLU A 1028 19.58 18.22 -34.03
CA GLU A 1028 20.18 19.47 -33.56
C GLU A 1028 19.82 20.61 -34.49
N LEU A 1029 19.54 21.77 -33.93
CA LEU A 1029 19.19 22.94 -34.72
C LEU A 1029 20.42 23.55 -35.39
N ASN A 1030 20.19 24.16 -36.55
CA ASN A 1030 21.29 24.64 -37.36
C ASN A 1030 21.89 25.93 -36.81
N ARG A 1031 23.18 26.13 -37.10
CA ARG A 1031 23.79 27.43 -36.87
C ARG A 1031 23.41 28.40 -37.98
N PHE A 1032 23.06 27.88 -39.15
CA PHE A 1032 22.60 28.66 -40.30
C PHE A 1032 21.23 28.15 -40.70
N GLY A 1033 20.19 28.92 -40.40
CA GLY A 1033 18.82 28.53 -40.62
C GLY A 1033 18.15 29.06 -41.87
N ARG A 1034 18.79 29.97 -42.59
CA ARG A 1034 18.20 30.51 -43.82
C ARG A 1034 18.42 29.60 -45.02
N THR A 1035 18.68 28.32 -44.81
CA THR A 1035 18.85 27.39 -45.90
C THR A 1035 17.54 26.66 -46.18
N THR A 1036 17.52 25.87 -47.25
CA THR A 1036 16.30 25.17 -47.60
C THR A 1036 16.09 23.97 -46.67
N SER A 1037 14.88 23.41 -46.72
CA SER A 1037 14.45 22.45 -45.72
C SER A 1037 15.20 21.13 -45.78
N ASP A 1038 15.79 20.77 -46.92
CA ASP A 1038 16.49 19.50 -46.99
C ASP A 1038 17.85 19.54 -46.31
N LYS A 1039 18.26 20.70 -45.81
CA LYS A 1039 19.52 20.88 -45.12
C LYS A 1039 19.34 21.32 -43.68
N ASN A 1040 18.11 21.52 -43.24
CA ASN A 1040 17.79 21.98 -41.90
C ASN A 1040 17.41 20.81 -40.99
N ALA A 1041 17.41 21.09 -39.70
CA ALA A 1041 16.92 20.14 -38.72
C ALA A 1041 15.44 19.86 -38.95
N ASP A 1042 15.07 18.60 -38.90
CA ASP A 1042 13.69 18.18 -39.09
C ASP A 1042 13.36 17.14 -38.04
N ILE A 1043 12.09 16.83 -37.93
CA ILE A 1043 11.60 15.89 -36.93
C ILE A 1043 11.34 14.55 -37.61
N GLY A 1044 11.24 13.51 -36.78
CA GLY A 1044 10.90 12.20 -37.27
C GLY A 1044 10.22 11.37 -36.20
N GLY A 1045 9.04 10.83 -36.51
CA GLY A 1045 8.30 10.08 -35.52
C GLY A 1045 7.71 8.84 -36.13
N VAL A 1046 7.23 7.96 -35.25
CA VAL A 1046 6.63 6.71 -35.68
C VAL A 1046 5.74 6.21 -34.56
N ASN A 1047 4.73 5.42 -34.92
CA ASN A 1047 3.83 4.78 -33.97
C ASN A 1047 3.94 3.28 -34.16
N ILE A 1048 4.57 2.60 -33.21
CA ILE A 1048 4.78 1.15 -33.32
C ILE A 1048 3.93 0.46 -32.27
N LYS A 1049 3.18 -0.56 -32.68
CA LYS A 1049 2.24 -1.24 -31.82
C LYS A 1049 2.79 -2.61 -31.43
N TYR A 1050 2.60 -2.98 -30.17
CA TYR A 1050 2.98 -4.29 -29.68
C TYR A 1050 1.74 -5.06 -29.28
N ARG A 1051 1.94 -6.31 -28.87
CA ARG A 1051 0.85 -7.15 -28.38
C ARG A 1051 1.35 -7.97 -27.20
N VAL A 1052 0.64 -7.90 -26.08
CA VAL A 1052 1.04 -8.59 -24.86
C VAL A 1052 0.14 -9.82 -24.70
N ASN A 1053 0.66 -11.00 -25.05
CA ASN A 1053 -0.06 -12.24 -24.82
C ASN A 1053 0.54 -13.13 -23.77
N LYS A 1054 1.82 -13.01 -23.47
CA LYS A 1054 2.54 -14.00 -22.69
C LYS A 1054 3.14 -13.36 -21.46
N ILE A 1055 3.47 -14.19 -20.48
CA ILE A 1055 4.04 -13.75 -19.21
C ILE A 1055 5.04 -14.80 -18.77
N THR A 1056 5.97 -14.39 -17.92
CA THR A 1056 7.01 -15.29 -17.46
C THR A 1056 6.67 -15.84 -16.09
N ALA A 1057 7.36 -16.90 -15.70
CA ALA A 1057 7.18 -17.48 -14.38
C ALA A 1057 7.59 -16.52 -13.27
N ASP A 1058 8.03 -15.32 -13.61
CA ASP A 1058 8.53 -14.34 -12.67
C ASP A 1058 7.62 -13.12 -12.61
N GLY A 1059 6.62 -13.05 -13.48
CA GLY A 1059 5.63 -12.01 -13.43
C GLY A 1059 5.84 -10.85 -14.36
N LYS A 1060 6.63 -11.01 -15.41
CA LYS A 1060 6.90 -9.95 -16.37
C LYS A 1060 6.43 -10.36 -17.77
N TYR A 1061 6.01 -9.37 -18.55
CA TYR A 1061 5.37 -9.63 -19.83
C TYR A 1061 6.39 -10.01 -20.89
N ILE A 1062 5.88 -10.53 -22.01
CA ILE A 1062 6.67 -10.79 -23.21
C ILE A 1062 5.92 -10.21 -24.39
N ILE A 1063 6.62 -9.39 -25.17
CA ILE A 1063 6.03 -8.61 -26.26
C ILE A 1063 6.21 -9.33 -27.58
N ASP A 1064 5.18 -9.30 -28.41
CA ASP A 1064 5.28 -9.64 -29.82
C ASP A 1064 4.98 -8.40 -30.64
N ARG A 1065 5.83 -8.10 -31.61
CA ARG A 1065 5.75 -6.83 -32.33
C ARG A 1065 4.91 -6.97 -33.58
N LEU A 1066 4.06 -5.98 -33.81
CA LEU A 1066 3.14 -5.96 -34.93
C LEU A 1066 3.80 -5.32 -36.15
N SER A 1067 3.36 -5.75 -37.33
CA SER A 1067 3.93 -5.30 -38.59
C SER A 1067 3.55 -3.85 -38.86
N HIS A 1068 3.98 -3.35 -40.02
CA HIS A 1068 3.68 -1.99 -40.40
C HIS A 1068 2.25 -1.82 -40.89
N THR A 1069 1.65 -2.88 -41.42
CA THR A 1069 0.25 -2.79 -41.85
C THR A 1069 -0.67 -2.50 -40.67
N GLU A 1070 -0.57 -3.29 -39.60
CA GLU A 1070 -1.41 -3.11 -38.43
C GLU A 1070 -1.16 -1.79 -37.73
N SER A 1071 -0.06 -1.12 -38.04
CA SER A 1071 0.23 0.21 -37.52
C SER A 1071 -0.31 1.33 -38.40
N GLY A 1072 -0.78 1.00 -39.60
CA GLY A 1072 -1.35 1.98 -40.50
C GLY A 1072 -0.44 2.55 -41.55
N TYR A 1073 0.65 1.86 -41.89
CA TYR A 1073 1.64 2.38 -42.81
C TYR A 1073 1.66 1.54 -44.09
N THR A 1074 1.89 2.20 -45.22
CA THR A 1074 2.08 1.50 -46.48
C THR A 1074 3.58 1.33 -46.72
N ALA A 1075 3.93 0.81 -47.89
CA ALA A 1075 5.33 0.65 -48.23
C ALA A 1075 6.03 2.00 -48.31
N ALA A 1076 5.40 2.98 -48.97
CA ALA A 1076 6.03 4.28 -49.12
C ALA A 1076 6.15 5.00 -47.78
N ASP A 1077 5.15 4.85 -46.92
CA ASP A 1077 5.23 5.43 -45.58
C ASP A 1077 6.39 4.85 -44.81
N VAL A 1078 6.62 3.54 -44.93
CA VAL A 1078 7.77 2.93 -44.27
C VAL A 1078 9.07 3.48 -44.85
N ASP A 1079 9.11 3.71 -46.16
CA ASP A 1079 10.31 4.32 -46.76
C ASP A 1079 10.60 5.68 -46.16
N ARG A 1080 9.57 6.54 -46.09
CA ARG A 1080 9.76 7.88 -45.55
C ARG A 1080 10.13 7.82 -44.08
N LEU A 1081 9.51 6.93 -43.30
CA LEU A 1081 9.85 6.82 -41.89
C LEU A 1081 11.28 6.38 -41.69
N TYR A 1082 11.75 5.41 -42.49
CA TYR A 1082 13.15 5.00 -42.38
C TYR A 1082 14.08 6.16 -42.69
N ARG A 1083 13.78 6.92 -43.73
CA ARG A 1083 14.64 8.06 -44.05
C ARG A 1083 14.61 9.11 -42.95
N SER A 1084 13.47 9.26 -42.27
CA SER A 1084 13.38 10.27 -41.22
C SER A 1084 14.10 9.84 -39.95
N LEU A 1085 14.09 8.54 -39.65
CA LEU A 1085 14.58 8.08 -38.36
C LEU A 1085 16.01 7.60 -38.38
N PHE A 1086 16.46 6.99 -39.46
CA PHE A 1086 17.84 6.51 -39.53
C PHE A 1086 18.73 7.37 -40.38
N GLY A 1087 18.23 8.49 -40.90
CA GLY A 1087 19.09 9.47 -41.54
C GLY A 1087 19.50 9.15 -42.96
N LYS A 1088 19.08 8.02 -43.49
CA LYS A 1088 19.61 7.58 -44.78
C LYS A 1088 18.58 6.68 -45.45
N GLN A 1089 18.77 6.48 -46.76
CA GLN A 1089 17.96 5.52 -47.49
C GLN A 1089 18.46 4.11 -47.20
N GLY A 1090 17.55 3.22 -46.87
CA GLY A 1090 17.94 1.84 -46.79
C GLY A 1090 18.23 1.33 -48.18
N ASP A 1091 19.50 1.17 -48.52
CA ASP A 1091 19.90 0.66 -49.82
C ASP A 1091 20.07 -0.84 -49.72
N GLY A 1092 19.12 -1.58 -50.26
CA GLY A 1092 19.12 -3.02 -50.11
C GLY A 1092 18.33 -3.55 -48.93
N LEU A 1093 17.40 -2.75 -48.39
CA LEU A 1093 16.49 -3.22 -47.35
C LEU A 1093 15.07 -3.23 -47.90
N SER A 1094 14.37 -4.34 -47.71
CA SER A 1094 12.96 -4.35 -48.05
C SER A 1094 12.15 -3.68 -46.95
N THR A 1095 10.87 -3.45 -47.21
CA THR A 1095 10.05 -2.79 -46.20
C THR A 1095 9.94 -3.63 -44.93
N GLU A 1096 10.03 -4.95 -45.06
CA GLU A 1096 10.03 -5.80 -43.87
C GLU A 1096 11.24 -5.52 -43.00
N GLN A 1097 12.41 -5.38 -43.60
CA GLN A 1097 13.62 -5.11 -42.82
C GLN A 1097 13.63 -3.68 -42.27
N LYS A 1098 13.19 -2.71 -43.06
CA LYS A 1098 13.13 -1.35 -42.55
C LYS A 1098 12.15 -1.23 -41.39
N TRP A 1099 11.01 -1.90 -41.48
CA TRP A 1099 10.09 -1.84 -40.36
C TRP A 1099 10.63 -2.60 -39.16
N MET A 1100 11.35 -3.70 -39.38
CA MET A 1100 11.98 -4.37 -38.26
C MET A 1100 12.94 -3.44 -37.55
N ASP A 1101 13.72 -2.68 -38.32
CA ASP A 1101 14.64 -1.72 -37.74
C ASP A 1101 13.90 -0.65 -36.95
N ILE A 1102 12.88 -0.03 -37.55
CA ILE A 1102 12.18 1.06 -36.88
C ILE A 1102 11.49 0.56 -35.61
N SER A 1103 10.82 -0.59 -35.70
CA SER A 1103 10.15 -1.13 -34.52
C SER A 1103 11.13 -1.52 -33.43
N ARG A 1104 12.24 -2.14 -33.79
CA ARG A 1104 13.19 -2.60 -32.78
C ARG A 1104 14.02 -1.47 -32.22
N GLY A 1105 14.05 -0.32 -32.90
CA GLY A 1105 14.81 0.80 -32.41
C GLY A 1105 14.13 1.64 -31.36
N VAL A 1106 12.81 1.56 -31.28
CA VAL A 1106 12.03 2.40 -30.38
C VAL A 1106 11.70 1.71 -29.06
N ASP A 1107 11.69 0.38 -29.01
CA ASP A 1107 11.26 -0.31 -27.80
C ASP A 1107 12.22 -0.12 -26.63
N ALA A 1108 13.40 0.43 -26.84
CA ALA A 1108 14.34 0.61 -25.74
C ALA A 1108 13.78 1.60 -24.72
N LYS A 1109 14.44 1.66 -23.57
CA LYS A 1109 13.94 2.34 -22.40
C LYS A 1109 14.89 3.46 -22.00
N ILE A 1110 14.35 4.50 -21.39
CA ILE A 1110 15.17 5.57 -20.83
C ILE A 1110 15.59 5.18 -19.42
N ILE A 1111 16.87 4.86 -19.25
CA ILE A 1111 17.46 4.56 -17.95
C ILE A 1111 18.14 5.82 -17.47
N SER A 1112 17.85 6.25 -16.24
CA SER A 1112 18.48 7.43 -15.71
C SER A 1112 18.39 7.42 -14.19
N ALA A 1113 19.25 8.21 -13.57
CA ALA A 1113 19.19 8.44 -12.13
C ALA A 1113 18.30 9.62 -11.77
N ASP A 1114 17.82 10.36 -12.75
CA ASP A 1114 16.97 11.51 -12.50
C ASP A 1114 15.59 11.05 -12.06
N MET A 1115 14.99 11.79 -11.14
CA MET A 1115 13.71 11.45 -10.57
C MET A 1115 12.62 12.34 -11.16
N VAL A 1116 11.49 11.74 -11.52
CA VAL A 1116 10.32 12.53 -11.84
C VAL A 1116 9.50 12.73 -10.58
N SER A 1117 8.61 13.72 -10.60
CA SER A 1117 7.73 13.99 -9.48
C SER A 1117 6.28 14.14 -9.91
N GLU A 1118 5.89 13.53 -11.02
CA GLU A 1118 4.53 13.55 -11.51
C GLU A 1118 4.23 12.20 -12.16
N GLU A 1119 2.94 11.87 -12.22
CA GLU A 1119 2.45 10.70 -12.93
C GLU A 1119 1.37 11.11 -13.90
N PHE A 1120 1.49 10.71 -15.15
CA PHE A 1120 0.58 11.15 -16.18
C PHE A 1120 -0.18 9.97 -16.77
N LEU A 1121 -1.47 10.16 -17.03
CA LEU A 1121 -2.33 9.12 -17.57
C LEU A 1121 -2.53 9.34 -19.08
N SER A 1122 -2.21 8.33 -19.86
CA SER A 1122 -2.24 8.46 -21.31
C SER A 1122 -3.63 8.20 -21.85
N SER A 1123 -3.93 8.82 -22.98
CA SER A 1123 -5.24 8.73 -23.59
C SER A 1123 -5.12 8.37 -25.06
N LYS A 1124 -6.18 7.79 -25.60
CA LYS A 1124 -6.23 7.49 -27.04
C LYS A 1124 -6.19 8.76 -27.88
N TYR A 1125 -6.89 9.80 -27.45
CA TYR A 1125 -7.10 10.95 -28.31
C TYR A 1125 -5.94 11.94 -28.26
N THR A 1126 -5.25 12.05 -27.13
CA THR A 1126 -3.97 12.75 -27.16
C THR A 1126 -2.96 11.97 -28.00
N GLY A 1127 -3.10 10.65 -28.03
CA GLY A 1127 -2.29 9.88 -28.96
C GLY A 1127 -2.57 10.25 -30.40
N GLN A 1128 -3.85 10.46 -30.75
CA GLN A 1128 -4.17 10.92 -32.09
C GLN A 1128 -3.62 12.31 -32.36
N MET A 1129 -3.65 13.18 -31.35
CA MET A 1129 -3.04 14.49 -31.52
C MET A 1129 -1.55 14.40 -31.85
N ILE A 1130 -0.81 13.55 -31.13
CA ILE A 1130 0.60 13.37 -31.47
C ILE A 1130 0.76 12.76 -32.86
N ASP A 1131 -0.05 11.76 -33.18
CA ASP A 1131 0.01 11.14 -34.50
C ASP A 1131 -0.23 12.15 -35.59
N GLU A 1132 -0.93 13.24 -35.30
CA GLU A 1132 -1.08 14.30 -36.29
C GLU A 1132 0.27 14.94 -36.63
N LEU A 1133 1.09 15.21 -35.62
CA LEU A 1133 2.44 15.73 -35.88
C LEU A 1133 3.31 14.68 -36.53
N ILE A 1134 3.01 13.40 -36.29
CA ILE A 1134 3.87 12.34 -36.79
C ILE A 1134 3.54 12.02 -38.25
N ASN A 1135 2.26 12.12 -38.62
CA ASN A 1135 1.85 11.68 -39.95
C ASN A 1135 1.81 12.81 -40.96
N SER A 1136 1.45 14.02 -40.54
CA SER A 1136 1.41 15.18 -41.44
C SER A 1136 2.20 16.30 -40.78
N PRO A 1137 3.54 16.24 -40.87
CA PRO A 1137 4.35 17.23 -40.17
C PRO A 1137 4.15 18.61 -40.76
N PRO A 1138 4.30 19.67 -39.97
CA PRO A 1138 4.13 21.02 -40.49
C PRO A 1138 5.28 21.45 -41.39
N GLN A 1139 5.01 22.48 -42.18
CA GLN A 1139 6.03 23.11 -43.02
C GLN A 1139 6.64 24.25 -42.21
N PHE A 1140 7.66 23.94 -41.42
CA PHE A 1140 8.08 24.82 -40.34
C PHE A 1140 9.60 24.87 -40.35
N ASN A 1141 10.16 26.04 -40.02
CA ASN A 1141 11.61 26.23 -39.97
C ASN A 1141 12.02 26.29 -38.51
N TYR A 1142 12.31 25.12 -37.93
CA TYR A 1142 12.59 25.05 -36.51
C TYR A 1142 13.83 25.85 -36.14
N SER A 1143 14.77 26.00 -37.06
CA SER A 1143 16.06 26.59 -36.69
C SER A 1143 15.96 28.09 -36.53
N LEU A 1144 14.98 28.73 -37.18
CA LEU A 1144 14.78 30.17 -37.07
C LEU A 1144 13.82 30.53 -35.97
N ILE A 1145 12.98 29.60 -35.54
CA ILE A 1145 11.94 29.86 -34.56
C ILE A 1145 12.38 29.53 -33.15
N TYR A 1146 13.00 28.37 -32.98
CA TYR A 1146 13.41 27.89 -31.67
C TYR A 1146 14.87 28.23 -31.43
N ARG A 1147 15.31 28.08 -30.19
CA ARG A 1147 16.71 28.27 -29.84
C ARG A 1147 17.41 26.98 -29.50
N ASN A 1148 16.66 25.90 -29.34
CA ASN A 1148 17.13 24.64 -28.80
C ASN A 1148 16.26 23.56 -29.39
N CYS A 1149 16.85 22.44 -29.78
CA CYS A 1149 16.01 21.34 -30.26
C CYS A 1149 15.19 20.74 -29.13
N GLN A 1150 15.55 21.02 -27.89
CA GLN A 1150 14.80 20.49 -26.76
C GLN A 1150 13.49 21.22 -26.56
N ASP A 1151 13.44 22.51 -26.91
CA ASP A 1151 12.23 23.29 -26.68
C ASP A 1151 11.07 22.75 -27.48
N PHE A 1152 11.32 22.21 -28.67
CA PHE A 1152 10.20 21.71 -29.46
C PHE A 1152 9.55 20.52 -28.80
N VAL A 1153 10.35 19.52 -28.41
CA VAL A 1153 9.77 18.36 -27.76
C VAL A 1153 9.25 18.70 -26.39
N LEU A 1154 9.75 19.76 -25.76
CA LEU A 1154 9.16 20.21 -24.50
C LEU A 1154 7.78 20.83 -24.72
N ASP A 1155 7.59 21.54 -25.82
CA ASP A 1155 6.26 22.07 -26.13
C ASP A 1155 5.29 20.95 -26.48
N VAL A 1156 5.74 19.98 -27.27
CA VAL A 1156 4.90 18.84 -27.58
C VAL A 1156 4.59 18.05 -26.32
N LEU A 1157 5.52 18.01 -25.37
CA LEU A 1157 5.27 17.31 -24.12
C LEU A 1157 4.26 18.07 -23.26
N ARG A 1158 4.32 19.40 -23.25
CA ARG A 1158 3.27 20.17 -22.61
C ARG A 1158 1.91 19.85 -23.21
N VAL A 1159 1.84 19.78 -24.54
CA VAL A 1159 0.56 19.48 -25.18
C VAL A 1159 0.09 18.08 -24.79
N ALA A 1160 1.00 17.11 -24.77
CA ALA A 1160 0.64 15.74 -24.43
C ALA A 1160 0.14 15.62 -22.99
N GLN A 1161 0.68 16.41 -22.08
CA GLN A 1161 0.30 16.34 -20.67
C GLN A 1161 -0.95 17.12 -20.36
N GLY A 1162 -1.64 17.66 -21.36
CA GLY A 1162 -2.91 18.29 -21.15
C GLY A 1162 -2.91 19.80 -21.15
N PHE A 1163 -1.79 20.44 -21.45
CA PHE A 1163 -1.70 21.89 -21.43
C PHE A 1163 -1.96 22.44 -22.84
N SER A 1164 -1.68 23.72 -23.02
CA SER A 1164 -2.06 24.40 -24.25
C SER A 1164 -0.96 24.34 -25.29
N PRO A 1165 -1.30 24.51 -26.57
CA PRO A 1165 -0.27 24.53 -27.60
C PRO A 1165 0.62 25.76 -27.52
N SER A 1166 1.83 25.62 -28.05
CA SER A 1166 2.78 26.72 -28.06
C SER A 1166 2.33 27.78 -29.06
N ASN A 1167 2.70 29.01 -28.79
CA ASN A 1167 2.43 30.11 -29.71
C ASN A 1167 3.50 30.26 -30.76
N LYS A 1168 4.53 29.42 -30.75
CA LYS A 1168 5.53 29.46 -31.81
C LYS A 1168 5.06 28.72 -33.05
N TRP A 1169 4.01 27.92 -32.95
CA TRP A 1169 3.54 27.14 -34.06
C TRP A 1169 2.61 27.96 -34.94
N ASP A 1170 2.47 27.52 -36.18
CA ASP A 1170 1.47 28.07 -37.07
C ASP A 1170 0.07 27.76 -36.54
N VAL A 1171 -0.93 28.40 -37.14
CA VAL A 1171 -2.30 28.21 -36.67
C VAL A 1171 -2.79 26.80 -37.02
N SER A 1172 -2.53 26.38 -38.27
CA SER A 1172 -3.11 25.13 -38.74
C SER A 1172 -2.58 23.91 -38.02
N THR A 1173 -1.41 23.98 -37.39
CA THR A 1173 -0.88 22.81 -36.66
C THR A 1173 -1.84 22.38 -35.56
N ALA A 1174 -2.13 23.28 -34.63
CA ALA A 1174 -3.06 22.94 -33.57
C ALA A 1174 -4.49 22.84 -34.09
N ALA A 1175 -4.82 23.55 -35.17
CA ALA A 1175 -6.12 23.32 -35.80
C ALA A 1175 -6.30 21.85 -36.16
N ARG A 1176 -5.31 21.28 -36.83
CA ARG A 1176 -5.42 19.90 -37.27
C ARG A 1176 -5.40 18.93 -36.08
N MET A 1177 -4.62 19.25 -35.05
CA MET A 1177 -4.65 18.40 -33.85
C MET A 1177 -6.04 18.35 -33.24
N GLN A 1178 -6.65 19.51 -33.00
CA GLN A 1178 -8.02 19.57 -32.49
C GLN A 1178 -8.97 18.75 -33.34
N GLN A 1179 -8.94 18.95 -34.66
CA GLN A 1179 -9.89 18.24 -35.49
C GLN A 1179 -9.67 16.74 -35.46
N ARG A 1180 -8.41 16.30 -35.45
CA ARG A 1180 -8.14 14.87 -35.41
C ARG A 1180 -8.67 14.23 -34.14
N ARG A 1181 -8.48 14.89 -33.00
CA ARG A 1181 -8.98 14.29 -31.76
C ARG A 1181 -10.51 14.25 -31.73
N VAL A 1182 -11.17 15.32 -32.20
CA VAL A 1182 -12.64 15.33 -32.17
C VAL A 1182 -13.20 14.30 -33.15
N ILE A 1183 -12.57 14.15 -34.30
CA ILE A 1183 -12.98 13.13 -35.28
C ILE A 1183 -12.81 11.74 -34.70
N SER A 1184 -11.68 11.47 -34.06
CA SER A 1184 -11.45 10.16 -33.48
C SER A 1184 -12.53 9.82 -32.45
N LEU A 1185 -12.78 10.76 -31.53
CA LEU A 1185 -13.78 10.52 -30.49
C LEU A 1185 -15.16 10.31 -31.08
N MET A 1186 -15.53 11.13 -32.07
CA MET A 1186 -16.85 11.01 -32.67
C MET A 1186 -17.03 9.69 -33.38
N ASP A 1187 -15.99 9.21 -34.08
CA ASP A 1187 -16.11 7.93 -34.76
C ASP A 1187 -16.27 6.80 -33.76
N ASP A 1188 -15.53 6.85 -32.64
CA ASP A 1188 -15.74 5.87 -31.58
C ASP A 1188 -17.18 5.87 -31.08
N LEU A 1189 -17.70 7.07 -30.77
CA LEU A 1189 -19.05 7.15 -30.21
C LEU A 1189 -20.10 6.71 -31.22
N MET A 1190 -19.89 7.00 -32.51
CA MET A 1190 -20.83 6.48 -33.51
C MET A 1190 -20.80 4.97 -33.59
N SER A 1191 -19.62 4.37 -33.65
CA SER A 1191 -19.57 2.91 -33.72
C SER A 1191 -20.19 2.29 -32.48
N GLU A 1192 -20.09 2.97 -31.33
CA GLU A 1192 -20.73 2.43 -30.13
C GLU A 1192 -22.23 2.63 -30.15
N SER A 1193 -22.71 3.69 -30.81
CA SER A 1193 -24.14 3.90 -30.93
C SER A 1193 -24.85 2.78 -31.67
N GLU A 1194 -24.18 2.08 -32.59
CA GLU A 1194 -24.86 1.08 -33.40
C GLU A 1194 -25.43 -0.06 -32.56
N THR A 1195 -24.97 -0.22 -31.32
CA THR A 1195 -25.52 -1.27 -30.46
C THR A 1195 -26.96 -0.95 -30.04
#